data_5B6T
#
_entry.id   5B6T
#
_cell.length_a   47.854
_cell.length_b   77.765
_cell.length_c   74.458
_cell.angle_alpha   90.00
_cell.angle_beta   93.01
_cell.angle_gamma   90.00
#
_symmetry.space_group_name_H-M   'P 1 21 1'
#
loop_
_entity.id
_entity.type
_entity.pdbx_description
1 polymer 'Glycosyl hydrolase family 62 protein'
2 non-polymer 'LEAD (II) ION'
3 non-polymer 'CALCIUM ION'
4 non-polymer GLYCEROL
5 water water
#
_entity_poly.entity_id   1
_entity_poly.type   'polypeptide(L)'
_entity_poly.pdbx_seq_one_letter_code
;LPSSFRWSSSGPLIGPKSDSRRIQGIKDPSVVYHDGRWHVFASTAKTEGYNLVYISFTDWAQAGSASFYYLDQAPLGTGY
RAAPQVFYFAPQRLWYLVYQNGNAAYSTNPDINNPAGWTAPRTFYSGMPAIIRNNIGNGHWVDMWVICDSSLCHLFSSDD
NGHLYRSQTSLSNFPNGFNEPVIAMQDSNKNRLFEAANVYRIDGSNEYLLLHEAIGSDGRRWFRSWTSTSIAGPWRALAD
QESNPFARANNVAFTGNAWTRDISHGELIRSGNDQTLPISPCNLRYLYQGLDPNSGGDYNSLPWKLGLLTQTNSACAAAL
EHHHHHH
;
_entity_poly.pdbx_strand_id   A,B
#
loop_
_chem_comp.id
_chem_comp.type
_chem_comp.name
_chem_comp.formula
CA non-polymer 'CALCIUM ION' 'Ca 2'
GOL non-polymer GLYCEROL 'C3 H8 O3'
PB non-polymer 'LEAD (II) ION' 'Pb 2'
#
# COMPACT_ATOMS: atom_id res chain seq x y z
N LEU A 1 -2.68 24.22 -26.35
CA LEU A 1 -1.42 24.52 -25.56
C LEU A 1 -0.80 25.87 -25.96
N PRO A 2 -0.61 26.78 -25.00
CA PRO A 2 -0.05 28.11 -25.32
C PRO A 2 1.44 28.08 -25.61
N SER A 3 1.96 29.21 -26.10
CA SER A 3 3.37 29.30 -26.47
C SER A 3 4.14 30.10 -25.43
N SER A 4 3.48 30.47 -24.35
CA SER A 4 4.16 31.03 -23.18
C SER A 4 3.43 30.46 -21.97
N PHE A 5 4.12 30.49 -20.81
CA PHE A 5 3.63 29.88 -19.59
C PHE A 5 3.80 30.76 -18.39
N ARG A 6 2.83 30.67 -17.48
CA ARG A 6 2.94 31.23 -16.15
C ARG A 6 2.45 30.21 -15.14
N TRP A 7 3.09 30.21 -13.97
CA TRP A 7 2.83 29.19 -12.94
C TRP A 7 2.71 29.83 -11.57
N SER A 8 2.03 29.08 -10.69
CA SER A 8 2.04 29.31 -9.26
C SER A 8 2.58 28.07 -8.58
N SER A 9 3.61 28.25 -7.76
CA SER A 9 4.26 27.16 -7.06
C SER A 9 3.80 27.01 -5.63
N SER A 10 3.59 25.77 -5.24
CA SER A 10 3.51 25.40 -3.84
C SER A 10 4.80 25.64 -3.12
N GLY A 11 4.79 25.51 -1.80
CA GLY A 11 6.01 25.35 -1.06
C GLY A 11 6.59 23.97 -1.26
N PRO A 12 7.69 23.68 -0.55
CA PRO A 12 8.23 22.32 -0.66
C PRO A 12 7.25 21.34 -0.05
N LEU A 13 6.87 20.31 -0.80
CA LEU A 13 5.85 19.38 -0.35
C LEU A 13 6.47 18.09 0.19
N ILE A 14 7.51 17.62 -0.47
CA ILE A 14 8.13 16.33 -0.11
C ILE A 14 9.65 16.49 0.02
N GLY A 15 10.17 16.14 1.20
CA GLY A 15 11.59 16.05 1.40
C GLY A 15 11.95 14.75 2.11
N PRO A 16 13.24 14.57 2.40
CA PRO A 16 13.73 13.34 2.99
C PRO A 16 13.14 13.09 4.37
N LYS A 17 13.05 11.82 4.73
CA LYS A 17 12.70 11.45 6.10
C LYS A 17 13.92 11.63 6.99
N SER A 18 13.65 11.79 8.29
CA SER A 18 14.70 11.79 9.29
CA SER A 18 14.72 11.79 9.28
C SER A 18 14.88 10.38 9.81
N ASP A 19 15.64 9.60 9.09
CA ASP A 19 15.94 8.21 9.45
C ASP A 19 17.41 7.96 9.21
N SER A 20 17.87 6.74 9.52
CA SER A 20 19.31 6.48 9.47
C SER A 20 19.92 6.61 8.08
N ARG A 21 19.09 6.58 7.03
CA ARG A 21 19.60 6.72 5.67
C ARG A 21 20.15 8.12 5.42
N ARG A 22 19.73 9.11 6.21
CA ARG A 22 20.26 10.48 6.09
C ARG A 22 20.28 10.94 4.64
N ILE A 23 19.19 10.66 3.93
CA ILE A 23 19.02 11.11 2.55
C ILE A 23 19.04 12.66 2.55
N GLN A 24 19.77 13.25 1.61
CA GLN A 24 19.93 14.69 1.53
C GLN A 24 18.94 15.35 0.56
N GLY A 25 18.64 14.69 -0.56
CA GLY A 25 17.71 15.23 -1.54
C GLY A 25 16.70 14.17 -1.98
N ILE A 26 15.48 14.61 -2.28
CA ILE A 26 14.46 13.78 -2.96
C ILE A 26 14.28 14.43 -4.30
N LYS A 27 14.43 13.62 -5.37
CA LYS A 27 14.74 14.15 -6.68
C LYS A 27 13.99 13.45 -7.82
N ASP A 28 13.98 14.10 -8.97
CA ASP A 28 13.68 13.46 -10.24
C ASP A 28 12.33 12.71 -10.28
N PRO A 29 11.22 13.36 -9.84
CA PRO A 29 10.00 12.60 -9.62
C PRO A 29 9.30 12.14 -10.87
N SER A 30 8.67 10.97 -10.77
CA SER A 30 7.70 10.51 -11.74
C SER A 30 6.35 10.32 -11.01
N VAL A 31 5.26 10.61 -11.70
CA VAL A 31 3.96 10.66 -11.03
C VAL A 31 2.79 10.23 -11.89
N VAL A 32 1.95 9.39 -11.27
CA VAL A 32 0.64 9.02 -11.83
C VAL A 32 -0.41 9.02 -10.73
N TYR A 33 -1.64 9.33 -11.16
CA TYR A 33 -2.83 9.21 -10.30
C TYR A 33 -3.57 7.97 -10.74
N HIS A 34 -3.77 7.05 -9.80
CA HIS A 34 -4.37 5.75 -10.12
C HIS A 34 -5.16 5.26 -8.94
N ASP A 35 -6.39 4.86 -9.22
CA ASP A 35 -7.32 4.40 -8.20
C ASP A 35 -7.33 5.25 -6.94
N GLY A 36 -7.53 6.55 -7.13
CA GLY A 36 -7.76 7.47 -6.05
C GLY A 36 -6.56 7.95 -5.27
N ARG A 37 -5.37 7.63 -5.74
CA ARG A 37 -4.15 8.01 -5.07
C ARG A 37 -3.10 8.48 -6.04
N TRP A 38 -2.25 9.37 -5.54
CA TRP A 38 -1.01 9.72 -6.22
C TRP A 38 0.04 8.67 -5.94
N HIS A 39 0.80 8.34 -6.98
CA HIS A 39 1.90 7.39 -6.88
C HIS A 39 3.12 8.14 -7.40
N VAL A 40 4.04 8.44 -6.49
CA VAL A 40 5.23 9.17 -6.85
C VAL A 40 6.44 8.25 -6.69
N PHE A 41 7.29 8.21 -7.70
CA PHE A 41 8.60 7.57 -7.60
C PHE A 41 9.66 8.63 -7.70
N ALA A 42 10.70 8.53 -6.87
CA ALA A 42 11.73 9.57 -6.84
C ALA A 42 13.07 8.94 -6.57
N SER A 43 14.13 9.67 -6.96
CA SER A 43 15.49 9.32 -6.51
C SER A 43 15.70 9.76 -5.07
N THR A 44 16.35 8.90 -4.28
CA THR A 44 16.99 9.34 -3.04
C THR A 44 18.43 9.70 -3.36
N ALA A 45 18.90 10.84 -2.85
CA ALA A 45 20.23 11.34 -3.16
C ALA A 45 20.99 11.74 -1.92
N LYS A 46 22.24 11.29 -1.88
CA LYS A 46 23.19 11.72 -0.86
C LYS A 46 24.61 11.51 -1.42
N THR A 47 25.62 11.99 -0.69
CA THR A 47 27.01 11.82 -1.14
C THR A 47 27.30 10.36 -1.41
N GLU A 48 26.75 9.47 -0.60
CA GLU A 48 27.06 8.04 -0.68
C GLU A 48 26.39 7.33 -1.85
N GLY A 49 25.32 7.89 -2.40
CA GLY A 49 24.71 7.24 -3.55
C GLY A 49 23.25 7.58 -3.78
N TYR A 50 22.71 6.86 -4.76
CA TYR A 50 21.35 7.03 -5.23
C TYR A 50 20.62 5.72 -5.21
N ASN A 51 19.35 5.77 -4.83
CA ASN A 51 18.43 4.65 -5.04
C ASN A 51 17.02 5.28 -5.28
N LEU A 52 15.97 4.50 -5.12
CA LEU A 52 14.64 4.93 -5.51
C LEU A 52 13.67 4.70 -4.36
N VAL A 53 12.68 5.59 -4.29
CA VAL A 53 11.63 5.50 -3.28
C VAL A 53 10.24 5.67 -3.95
N TYR A 54 9.26 4.97 -3.37
CA TYR A 54 7.87 5.03 -3.76
C TYR A 54 7.10 5.71 -2.63
N ILE A 55 6.27 6.68 -3.03
CA ILE A 55 5.50 7.51 -2.10
C ILE A 55 4.07 7.56 -2.61
N SER A 56 3.08 7.32 -1.75
CA SER A 56 1.70 7.40 -2.22
CA SER A 56 1.70 7.40 -2.21
C SER A 56 0.84 8.12 -1.19
N PHE A 57 -0.14 8.85 -1.69
CA PHE A 57 -0.99 9.71 -0.87
C PHE A 57 -2.25 10.05 -1.64
N THR A 58 -3.32 10.34 -0.91
CA THR A 58 -4.59 10.64 -1.56
C THR A 58 -4.69 12.07 -2.03
N ASP A 59 -4.08 13.01 -1.28
CA ASP A 59 -4.30 14.45 -1.38
C ASP A 59 -2.95 15.15 -1.28
N TRP A 60 -2.73 16.23 -2.04
CA TRP A 60 -1.44 16.92 -2.05
C TRP A 60 -1.09 17.50 -0.67
N ALA A 61 -2.10 17.83 0.12
CA ALA A 61 -1.91 18.27 1.52
C ALA A 61 -1.31 17.20 2.42
N GLN A 62 -1.39 15.95 2.01
CA GLN A 62 -0.86 14.86 2.83
C GLN A 62 0.45 14.32 2.24
N ALA A 63 0.95 14.92 1.16
CA ALA A 63 2.17 14.40 0.54
C ALA A 63 3.36 14.38 1.49
N GLY A 64 3.52 15.44 2.27
CA GLY A 64 4.66 15.53 3.19
C GLY A 64 4.68 14.47 4.29
N SER A 65 3.49 14.02 4.71
CA SER A 65 3.37 13.03 5.79
C SER A 65 3.30 11.58 5.29
N ALA A 66 3.28 11.39 3.97
CA ALA A 66 3.20 10.07 3.38
C ALA A 66 4.47 9.26 3.73
N SER A 67 4.30 7.98 4.06
CA SER A 67 5.42 7.10 4.28
C SER A 67 6.20 6.86 2.99
N PHE A 68 7.47 6.55 3.16
CA PHE A 68 8.32 6.12 2.06
C PHE A 68 8.38 4.61 2.03
N TYR A 69 8.34 4.03 0.83
CA TYR A 69 8.74 2.64 0.64
C TYR A 69 10.04 2.68 -0.14
N TYR A 70 11.13 2.32 0.53
CA TYR A 70 12.44 2.27 -0.09
C TYR A 70 12.54 1.04 -1.01
N LEU A 71 12.72 1.28 -2.31
CA LEU A 71 12.57 0.19 -3.28
C LEU A 71 13.74 -0.77 -3.28
N ASP A 72 14.80 -0.46 -2.54
CA ASP A 72 15.87 -1.44 -2.36
C ASP A 72 15.42 -2.67 -1.54
N GLN A 73 14.26 -2.58 -0.90
CA GLN A 73 13.64 -3.72 -0.22
C GLN A 73 12.89 -4.69 -1.17
N ALA A 74 12.60 -4.20 -2.37
CA ALA A 74 12.01 -5.00 -3.44
C ALA A 74 13.15 -5.70 -4.17
N PRO A 75 12.80 -6.63 -5.08
CA PRO A 75 13.85 -7.22 -5.92
C PRO A 75 14.66 -6.18 -6.70
N LEU A 76 14.08 -5.00 -6.97
CA LEU A 76 14.83 -3.90 -7.57
C LEU A 76 16.20 -3.67 -6.89
N GLY A 77 16.20 -3.72 -5.56
CA GLY A 77 17.43 -3.97 -4.79
C GLY A 77 18.35 -2.78 -4.57
N THR A 78 19.38 -3.03 -3.75
CA THR A 78 20.43 -2.06 -3.48
C THR A 78 21.37 -1.89 -4.66
N GLY A 79 22.14 -0.83 -4.57
CA GLY A 79 23.01 -0.41 -5.62
C GLY A 79 22.50 0.89 -6.17
N TYR A 80 23.19 1.39 -7.18
CA TYR A 80 22.83 2.65 -7.80
C TYR A 80 21.62 2.48 -8.71
N ARG A 81 20.57 3.27 -8.45
CA ARG A 81 19.44 3.45 -9.36
C ARG A 81 19.00 4.89 -9.20
N ALA A 82 18.63 5.54 -10.30
CA ALA A 82 18.21 6.95 -10.23
C ALA A 82 17.30 7.35 -11.39
N ALA A 83 16.48 8.35 -11.11
CA ALA A 83 15.66 9.07 -12.10
C ALA A 83 14.61 8.17 -12.77
N PRO A 84 13.55 7.89 -12.03
CA PRO A 84 12.58 6.93 -12.48
C PRO A 84 11.50 7.52 -13.43
N GLN A 85 10.85 6.64 -14.20
CA GLN A 85 9.68 6.98 -15.00
C GLN A 85 8.74 5.80 -14.90
N VAL A 86 7.54 6.01 -14.38
CA VAL A 86 6.54 4.96 -14.27
C VAL A 86 5.45 5.10 -15.34
N PHE A 87 4.99 3.98 -15.88
CA PHE A 87 3.86 3.98 -16.82
C PHE A 87 3.32 2.57 -16.95
N TYR A 88 2.10 2.45 -17.43
CA TYR A 88 1.45 1.17 -17.61
C TYR A 88 1.58 0.79 -19.05
N PHE A 89 2.23 -0.34 -19.32
CA PHE A 89 2.38 -0.82 -20.70
C PHE A 89 1.21 -1.73 -20.97
N ALA A 90 0.16 -1.14 -21.51
CA ALA A 90 -1.14 -1.81 -21.59
C ALA A 90 -1.12 -3.14 -22.35
N PRO A 91 -0.35 -3.24 -23.44
CA PRO A 91 -0.38 -4.54 -24.17
C PRO A 91 0.07 -5.75 -23.34
N GLN A 92 0.89 -5.52 -22.32
CA GLN A 92 1.37 -6.59 -21.43
C GLN A 92 0.71 -6.62 -20.08
N ARG A 93 -0.14 -5.62 -19.82
CA ARG A 93 -0.84 -5.51 -18.53
C ARG A 93 0.21 -5.48 -17.41
N LEU A 94 1.30 -4.75 -17.65
CA LEU A 94 2.37 -4.59 -16.67
C LEU A 94 2.74 -3.12 -16.57
N TRP A 95 2.97 -2.66 -15.34
CA TRP A 95 3.61 -1.38 -15.12
C TRP A 95 5.11 -1.56 -15.34
N TYR A 96 5.72 -0.53 -15.94
CA TYR A 96 7.16 -0.40 -16.09
C TYR A 96 7.65 0.75 -15.25
N LEU A 97 8.84 0.57 -14.69
CA LEU A 97 9.60 1.63 -14.01
C LEU A 97 10.97 1.67 -14.70
N VAL A 98 11.19 2.74 -15.44
CA VAL A 98 12.37 2.99 -16.23
C VAL A 98 13.28 3.90 -15.41
N TYR A 99 14.58 3.63 -15.44
CA TYR A 99 15.56 4.38 -14.64
C TYR A 99 16.96 4.07 -15.16
N GLN A 100 17.97 4.68 -14.55
CA GLN A 100 19.37 4.41 -14.93
C GLN A 100 20.07 3.68 -13.80
N ASN A 101 20.98 2.79 -14.19
CA ASN A 101 21.81 2.06 -13.26
C ASN A 101 23.26 2.00 -13.75
N GLY A 102 23.64 2.92 -14.62
CA GLY A 102 24.87 2.82 -15.42
C GLY A 102 24.58 2.45 -16.88
N ASN A 103 23.45 1.76 -17.06
CA ASN A 103 22.84 1.48 -18.35
C ASN A 103 21.42 2.09 -18.32
N ALA A 104 20.67 1.95 -19.39
CA ALA A 104 19.25 2.26 -19.43
C ALA A 104 18.50 1.03 -18.94
N ALA A 105 17.80 1.16 -17.81
CA ALA A 105 17.23 0.01 -17.11
C ALA A 105 15.75 0.09 -16.89
N TYR A 106 15.16 -1.07 -16.53
CA TYR A 106 13.76 -1.09 -16.17
C TYR A 106 13.41 -2.24 -15.24
N SER A 107 12.35 -2.02 -14.47
CA SER A 107 11.68 -3.06 -13.68
C SER A 107 10.23 -3.14 -14.13
N THR A 108 9.59 -4.26 -13.84
CA THR A 108 8.17 -4.40 -14.11
C THR A 108 7.42 -4.83 -12.86
N ASN A 109 6.09 -4.69 -12.92
CA ASN A 109 5.22 -4.97 -11.78
C ASN A 109 3.78 -4.99 -12.26
N PRO A 110 3.03 -6.07 -11.99
CA PRO A 110 1.63 -6.04 -12.40
C PRO A 110 0.77 -5.08 -11.60
N ASP A 111 1.25 -4.61 -10.45
CA ASP A 111 0.43 -3.83 -9.50
C ASP A 111 1.24 -2.68 -8.91
N ILE A 112 0.92 -1.45 -9.34
CA ILE A 112 1.63 -0.26 -8.85
C ILE A 112 1.47 -0.08 -7.35
N ASN A 113 0.37 -0.59 -6.80
CA ASN A 113 0.15 -0.58 -5.34
C ASN A 113 0.98 -1.57 -4.56
N ASN A 114 1.83 -2.35 -5.23
CA ASN A 114 2.72 -3.29 -4.55
C ASN A 114 4.17 -2.91 -4.77
N PRO A 115 4.68 -1.95 -3.97
CA PRO A 115 6.06 -1.55 -4.21
C PRO A 115 7.06 -2.68 -3.99
N ALA A 116 6.72 -3.66 -3.16
CA ALA A 116 7.61 -4.79 -2.93
C ALA A 116 7.82 -5.66 -4.16
N GLY A 117 6.98 -5.50 -5.20
CA GLY A 117 6.97 -6.35 -6.41
C GLY A 117 7.86 -5.94 -7.55
N TRP A 118 8.48 -4.76 -7.47
CA TRP A 118 9.32 -4.33 -8.60
C TRP A 118 10.52 -5.24 -8.81
N THR A 119 10.67 -5.69 -10.06
CA THR A 119 11.68 -6.68 -10.40
C THR A 119 13.10 -6.14 -10.30
N ALA A 120 14.06 -7.06 -10.18
CA ALA A 120 15.46 -6.73 -10.29
C ALA A 120 15.73 -6.14 -11.69
N PRO A 121 16.70 -5.22 -11.81
CA PRO A 121 16.85 -4.48 -13.05
C PRO A 121 17.17 -5.35 -14.27
N ARG A 122 16.55 -5.01 -15.39
CA ARG A 122 16.97 -5.48 -16.73
C ARG A 122 17.37 -4.25 -17.55
N THR A 123 18.12 -4.43 -18.63
CA THR A 123 18.54 -3.29 -19.42
C THR A 123 17.99 -3.31 -20.86
N PHE A 124 17.82 -2.12 -21.43
CA PHE A 124 17.30 -1.94 -22.78
C PHE A 124 18.40 -2.12 -23.84
N TYR A 125 19.66 -2.02 -23.43
CA TYR A 125 20.80 -2.22 -24.33
C TYR A 125 21.80 -3.13 -23.63
N SER A 126 22.69 -3.74 -24.41
CA SER A 126 23.74 -4.57 -23.82
C SER A 126 24.86 -3.74 -23.13
N GLY A 127 24.97 -2.46 -23.46
CA GLY A 127 25.95 -1.56 -22.88
C GLY A 127 25.66 -0.19 -23.45
N MET A 128 26.49 0.79 -23.13
CA MET A 128 26.32 2.12 -23.66
C MET A 128 26.50 2.10 -25.17
N PRO A 129 25.48 2.55 -25.93
CA PRO A 129 25.60 2.58 -27.38
C PRO A 129 26.79 3.38 -27.88
N ALA A 130 27.33 2.96 -29.01
CA ALA A 130 28.51 3.62 -29.57
C ALA A 130 28.32 5.11 -29.75
N ILE A 131 27.16 5.53 -30.27
CA ILE A 131 26.99 6.97 -30.50
C ILE A 131 27.05 7.78 -29.20
N ILE A 132 26.60 7.16 -28.11
CA ILE A 132 26.63 7.82 -26.82
C ILE A 132 28.05 7.83 -26.25
N ARG A 133 28.74 6.69 -26.31
CA ARG A 133 30.13 6.65 -25.91
C ARG A 133 30.96 7.67 -26.68
N ASN A 134 30.63 7.82 -27.96
CA ASN A 134 31.45 8.69 -28.78
C ASN A 134 31.27 10.18 -28.49
N ASN A 135 30.08 10.57 -28.00
CA ASN A 135 29.69 11.96 -27.84
C ASN A 135 29.49 12.44 -26.41
N ILE A 136 29.63 11.55 -25.43
CA ILE A 136 29.35 11.89 -24.04
C ILE A 136 30.37 12.87 -23.39
N GLY A 137 31.56 13.03 -23.96
CA GLY A 137 32.52 13.93 -23.33
C GLY A 137 32.87 13.46 -21.94
N ASN A 138 32.91 14.33 -20.92
CA ASN A 138 32.92 13.77 -19.54
C ASN A 138 31.59 14.02 -18.87
N GLY A 139 30.54 13.74 -19.62
CA GLY A 139 29.18 13.70 -19.07
C GLY A 139 28.82 12.36 -18.43
N HIS A 140 27.51 12.11 -18.36
CA HIS A 140 26.91 10.96 -17.70
C HIS A 140 25.66 10.59 -18.46
N TRP A 141 25.45 9.30 -18.68
CA TRP A 141 24.30 8.79 -19.40
C TRP A 141 23.13 8.67 -18.43
N VAL A 142 22.15 9.58 -18.60
CA VAL A 142 21.12 9.78 -17.60
C VAL A 142 19.75 10.03 -18.20
N ASP A 143 18.73 9.88 -17.34
CA ASP A 143 17.37 10.40 -17.55
C ASP A 143 16.67 9.75 -18.72
N MET A 144 16.37 8.48 -18.49
CA MET A 144 15.80 7.58 -19.48
C MET A 144 14.30 7.77 -19.54
N TRP A 145 13.76 7.94 -20.75
CA TRP A 145 12.35 8.24 -20.93
C TRP A 145 11.75 7.49 -22.10
N VAL A 146 10.68 6.73 -21.85
CA VAL A 146 9.93 6.01 -22.87
C VAL A 146 8.64 6.74 -23.22
N ILE A 147 8.35 6.79 -24.52
CA ILE A 147 7.02 7.16 -25.02
C ILE A 147 6.75 6.31 -26.26
N CYS A 148 5.52 5.80 -26.36
CA CYS A 148 5.08 4.98 -27.48
C CYS A 148 3.93 5.65 -28.21
N ASP A 149 3.78 5.34 -29.50
CA ASP A 149 2.56 5.69 -30.21
C ASP A 149 1.88 4.36 -30.60
N SER A 150 0.99 4.33 -31.59
CA SER A 150 0.31 3.07 -31.93
C SER A 150 1.20 1.99 -32.56
N SER A 151 2.39 2.34 -33.01
CA SER A 151 3.24 1.32 -33.64
C SER A 151 4.66 1.20 -33.11
N LEU A 152 5.21 2.29 -32.58
CA LEU A 152 6.60 2.29 -32.09
C LEU A 152 6.71 2.72 -30.66
N CYS A 153 7.78 2.26 -30.00
CA CYS A 153 8.22 2.77 -28.71
C CYS A 153 9.55 3.48 -28.90
N HIS A 154 9.69 4.59 -28.20
CA HIS A 154 10.89 5.42 -28.26
C HIS A 154 11.53 5.50 -26.89
N LEU A 155 12.85 5.48 -26.87
CA LEU A 155 13.60 5.59 -25.64
C LEU A 155 14.58 6.75 -25.76
N PHE A 156 14.30 7.79 -24.99
CA PHE A 156 15.14 8.98 -24.96
C PHE A 156 16.11 8.92 -23.78
N SER A 157 17.24 9.57 -23.94
CA SER A 157 18.23 9.69 -22.89
C SER A 157 19.15 10.90 -23.18
N SER A 158 19.84 11.34 -22.13
CA SER A 158 20.76 12.46 -22.18
C SER A 158 22.18 12.07 -21.77
N ASP A 159 23.15 12.95 -22.09
CA ASP A 159 24.52 12.68 -21.67
C ASP A 159 25.17 13.76 -20.82
N ASP A 160 24.39 14.74 -20.37
CA ASP A 160 24.96 15.91 -19.67
C ASP A 160 26.03 16.60 -20.52
N ASN A 161 25.95 16.43 -21.83
CA ASN A 161 26.92 17.02 -22.75
C ASN A 161 26.27 17.61 -23.97
N GLY A 162 24.98 17.95 -23.83
CA GLY A 162 24.32 18.67 -24.90
C GLY A 162 23.72 17.81 -25.98
N HIS A 163 23.54 16.50 -25.75
CA HIS A 163 22.87 15.64 -26.73
C HIS A 163 21.67 14.99 -26.10
N LEU A 164 20.59 14.95 -26.85
CA LEU A 164 19.42 14.15 -26.55
C LEU A 164 19.36 13.02 -27.55
N TYR A 165 19.38 11.80 -27.08
CA TYR A 165 19.37 10.60 -27.93
C TYR A 165 17.99 9.95 -27.96
N ARG A 166 17.73 9.25 -29.06
CA ARG A 166 16.46 8.54 -29.22
C ARG A 166 16.65 7.22 -30.00
N SER A 167 16.26 6.10 -29.37
CA SER A 167 16.16 4.79 -30.02
C SER A 167 14.70 4.45 -30.19
N GLN A 168 14.44 3.50 -31.08
CA GLN A 168 13.08 3.00 -31.20
C GLN A 168 13.03 1.51 -31.38
N THR A 169 11.87 0.93 -31.02
CA THR A 169 11.56 -0.46 -31.25
C THR A 169 10.06 -0.58 -31.54
N SER A 170 9.59 -1.74 -32.01
CA SER A 170 8.16 -1.90 -32.21
C SER A 170 7.40 -2.01 -30.89
N LEU A 171 6.14 -1.60 -30.92
CA LEU A 171 5.26 -1.82 -29.78
C LEU A 171 5.20 -3.30 -29.34
N SER A 172 5.17 -4.25 -30.30
CA SER A 172 5.08 -5.67 -29.95
C SER A 172 6.37 -6.19 -29.35
N ASN A 173 7.52 -5.66 -29.73
CA ASN A 173 8.80 -6.18 -29.22
C ASN A 173 9.27 -5.56 -27.89
N PHE A 174 8.75 -4.37 -27.58
CA PHE A 174 9.08 -3.66 -26.33
C PHE A 174 9.01 -4.68 -25.17
N PRO A 175 10.01 -4.68 -24.27
CA PRO A 175 11.13 -3.76 -24.10
C PRO A 175 12.38 -4.15 -24.90
N ASN A 176 12.30 -5.19 -25.74
CA ASN A 176 13.45 -5.62 -26.52
C ASN A 176 13.52 -4.92 -27.87
N GLY A 177 14.68 -4.95 -28.46
CA GLY A 177 14.88 -4.50 -29.84
C GLY A 177 15.19 -3.04 -30.06
N PHE A 178 15.43 -2.26 -29.01
CA PHE A 178 15.79 -0.87 -29.20
C PHE A 178 17.02 -0.75 -30.06
N ASN A 179 16.92 0.09 -31.08
CA ASN A 179 17.98 0.20 -32.08
C ASN A 179 19.06 1.16 -31.65
N GLU A 180 20.04 1.39 -32.53
CA GLU A 180 21.08 2.32 -32.21
C GLU A 180 20.46 3.72 -32.09
N PRO A 181 20.75 4.46 -31.01
CA PRO A 181 20.14 5.79 -30.96
C PRO A 181 20.61 6.75 -32.05
N VAL A 182 19.74 7.68 -32.41
CA VAL A 182 20.13 8.87 -33.21
C VAL A 182 20.19 10.05 -32.25
N ILE A 183 20.85 11.12 -32.66
CA ILE A 183 20.84 12.37 -31.89
C ILE A 183 19.57 13.10 -32.31
N ALA A 184 18.59 13.12 -31.41
CA ALA A 184 17.32 13.80 -31.66
C ALA A 184 17.42 15.33 -31.60
N MET A 185 18.30 15.81 -30.75
CA MET A 185 18.53 17.24 -30.58
C MET A 185 19.91 17.42 -29.95
N GLN A 186 20.56 18.53 -30.29
CA GLN A 186 21.85 18.84 -29.71
C GLN A 186 22.12 20.31 -29.66
N ASP A 187 23.00 20.69 -28.72
CA ASP A 187 23.51 22.05 -28.65
C ASP A 187 24.99 22.00 -28.36
N SER A 188 25.77 22.86 -29.03
CA SER A 188 27.20 22.95 -28.72
C SER A 188 27.48 23.46 -27.31
N ASN A 189 26.51 24.15 -26.69
CA ASN A 189 26.62 24.52 -25.28
C ASN A 189 25.79 23.54 -24.45
N LYS A 190 26.48 22.63 -23.77
CA LYS A 190 25.79 21.61 -23.00
C LYS A 190 24.80 22.19 -21.99
N ASN A 191 25.06 23.38 -21.48
CA ASN A 191 24.15 23.98 -20.50
C ASN A 191 22.77 24.30 -21.10
N ARG A 192 22.69 24.51 -22.40
CA ARG A 192 21.42 24.82 -23.06
C ARG A 192 20.53 23.59 -23.22
N LEU A 193 21.11 22.39 -23.15
CA LEU A 193 20.35 21.15 -23.39
C LEU A 193 20.98 20.08 -22.51
N PHE A 194 20.73 20.22 -21.21
CA PHE A 194 21.59 19.54 -20.23
C PHE A 194 21.12 18.14 -19.85
N GLU A 195 19.92 18.01 -19.30
CA GLU A 195 19.43 16.66 -18.95
C GLU A 195 17.92 16.72 -18.72
N ALA A 196 17.36 15.61 -18.26
CA ALA A 196 15.98 15.57 -17.75
C ALA A 196 14.95 15.92 -18.81
N ALA A 197 14.94 15.14 -19.88
CA ALA A 197 13.88 15.24 -20.88
C ALA A 197 12.51 14.72 -20.34
N ASN A 198 11.44 15.37 -20.81
CA ASN A 198 10.10 14.80 -20.81
C ASN A 198 9.55 14.87 -22.22
N VAL A 199 8.86 13.82 -22.63
CA VAL A 199 8.21 13.79 -23.93
C VAL A 199 6.78 13.26 -23.77
N TYR A 200 5.81 14.07 -24.22
CA TYR A 200 4.38 13.76 -24.05
C TYR A 200 3.58 13.91 -25.34
N ARG A 201 2.53 13.08 -25.47
CA ARG A 201 1.49 13.32 -26.48
C ARG A 201 0.56 14.39 -25.97
N ILE A 202 0.24 15.37 -26.80
CA ILE A 202 -0.68 16.45 -26.40
C ILE A 202 -2.08 16.04 -26.81
N ASP A 203 -2.94 15.72 -25.84
CA ASP A 203 -4.32 15.34 -26.15
C ASP A 203 -5.04 16.39 -26.99
N GLY A 204 -5.85 15.91 -27.95
CA GLY A 204 -6.66 16.77 -28.81
C GLY A 204 -5.91 17.37 -30.00
N SER A 205 -4.64 17.00 -30.18
CA SER A 205 -3.82 17.50 -31.26
C SER A 205 -3.06 16.30 -31.82
N ASN A 206 -2.45 16.47 -32.98
CA ASN A 206 -1.54 15.48 -33.52
C ASN A 206 -0.13 15.98 -33.28
N GLU A 207 0.13 16.37 -32.04
CA GLU A 207 1.43 16.92 -31.66
C GLU A 207 1.96 16.32 -30.37
N TYR A 208 3.27 16.48 -30.22
CA TYR A 208 4.02 16.06 -29.05
C TYR A 208 4.74 17.25 -28.44
N LEU A 209 4.96 17.18 -27.14
CA LEU A 209 5.67 18.20 -26.35
C LEU A 209 6.99 17.61 -25.83
N LEU A 210 8.11 18.32 -26.07
CA LEU A 210 9.41 17.99 -25.48
C LEU A 210 9.78 19.08 -24.47
N LEU A 211 10.08 18.66 -23.24
CA LEU A 211 10.67 19.52 -22.21
C LEU A 211 12.07 19.06 -21.97
N HIS A 212 12.96 19.98 -21.64
CA HIS A 212 14.34 19.56 -21.35
C HIS A 212 14.94 20.59 -20.41
N GLU A 213 15.67 20.11 -19.40
CA GLU A 213 16.34 20.97 -18.43
C GLU A 213 17.60 21.63 -18.99
N ALA A 214 17.83 22.87 -18.55
CA ALA A 214 18.98 23.67 -18.94
C ALA A 214 19.51 24.35 -17.69
N ILE A 215 20.76 24.81 -17.79
CA ILE A 215 21.40 25.59 -16.76
C ILE A 215 21.59 26.97 -17.37
N GLY A 216 20.88 27.96 -16.81
CA GLY A 216 20.79 29.29 -17.42
C GLY A 216 22.00 30.17 -17.17
N SER A 217 21.92 31.38 -17.73
CA SER A 217 22.99 32.37 -17.64
C SER A 217 23.27 32.80 -16.20
N ASP A 218 22.28 32.64 -15.32
CA ASP A 218 22.45 32.90 -13.87
C ASP A 218 22.88 31.65 -13.08
N GLY A 219 23.22 30.56 -13.76
CA GLY A 219 23.56 29.32 -13.09
C GLY A 219 22.39 28.50 -12.56
N ARG A 220 21.15 28.95 -12.79
CA ARG A 220 19.99 28.27 -12.22
C ARG A 220 19.31 27.34 -13.21
N ARG A 221 18.71 26.29 -12.68
CA ARG A 221 18.01 25.32 -13.52
C ARG A 221 16.69 25.90 -14.01
N TRP A 222 16.36 25.48 -15.23
CA TRP A 222 15.11 25.88 -15.87
C TRP A 222 14.76 24.91 -16.98
N PHE A 223 13.55 25.03 -17.52
CA PHE A 223 13.07 24.19 -18.61
C PHE A 223 12.77 24.92 -19.89
N ARG A 224 13.20 24.30 -20.98
CA ARG A 224 12.86 24.70 -22.35
C ARG A 224 11.84 23.76 -22.91
N SER A 225 11.11 24.22 -23.92
CA SER A 225 10.05 23.40 -24.53
C SER A 225 10.00 23.57 -26.03
N TRP A 226 9.56 22.49 -26.67
CA TRP A 226 9.41 22.39 -28.12
C TRP A 226 8.20 21.55 -28.42
N THR A 227 7.69 21.66 -29.64
CA THR A 227 6.64 20.74 -30.12
C THR A 227 6.98 20.18 -31.48
N SER A 228 6.32 19.07 -31.83
CA SER A 228 6.53 18.39 -33.10
C SER A 228 5.31 17.58 -33.44
N THR A 229 5.09 17.32 -34.73
CA THR A 229 4.04 16.38 -35.11
C THR A 229 4.47 14.92 -34.92
N SER A 230 5.76 14.66 -34.71
CA SER A 230 6.24 13.29 -34.49
C SER A 230 7.15 13.22 -33.28
N ILE A 231 7.13 12.07 -32.63
CA ILE A 231 8.07 11.80 -31.55
C ILE A 231 9.51 11.87 -32.09
N ALA A 232 9.72 11.53 -33.35
CA ALA A 232 11.03 11.57 -33.99
C ALA A 232 11.46 12.96 -34.44
N GLY A 233 10.65 13.99 -34.17
CA GLY A 233 10.99 15.34 -34.55
C GLY A 233 10.62 15.57 -36.01
N PRO A 234 11.07 16.70 -36.58
CA PRO A 234 11.90 17.75 -36.03
C PRO A 234 11.14 18.57 -34.97
N TRP A 235 11.87 19.11 -34.01
CA TRP A 235 11.30 19.87 -32.90
C TRP A 235 11.34 21.35 -33.18
N ARG A 236 10.22 22.04 -32.95
CA ARG A 236 10.17 23.48 -33.14
C ARG A 236 10.03 24.15 -31.78
N ALA A 237 10.78 25.22 -31.55
CA ALA A 237 10.72 25.93 -30.27
C ALA A 237 9.29 26.29 -29.92
N LEU A 238 8.93 26.14 -28.64
CA LEU A 238 7.67 26.60 -28.13
C LEU A 238 8.06 27.74 -27.20
N ALA A 239 8.34 27.44 -25.93
CA ALA A 239 8.88 28.41 -24.98
C ALA A 239 10.25 27.91 -24.58
N ASP A 240 11.28 28.41 -25.24
CA ASP A 240 12.64 27.82 -25.14
C ASP A 240 13.75 28.85 -24.88
N GLN A 241 13.36 30.03 -24.40
CA GLN A 241 14.33 31.08 -24.14
C GLN A 241 14.22 31.58 -22.71
N GLU A 242 15.31 32.13 -22.19
CA GLU A 242 15.26 32.67 -20.82
C GLU A 242 14.13 33.68 -20.62
N SER A 243 13.87 34.49 -21.66
CA SER A 243 12.77 35.48 -21.63
C SER A 243 11.37 34.94 -22.00
N ASN A 244 11.33 33.70 -22.45
CA ASN A 244 10.08 33.00 -22.71
C ASN A 244 10.28 31.50 -22.41
N PRO A 245 10.35 31.16 -21.12
CA PRO A 245 10.77 29.81 -20.75
C PRO A 245 9.57 28.87 -20.57
N PHE A 246 9.79 27.56 -20.55
CA PHE A 246 8.68 26.71 -20.14
C PHE A 246 8.45 26.94 -18.65
N ALA A 247 9.51 26.82 -17.86
CA ALA A 247 9.41 27.03 -16.41
C ALA A 247 10.78 27.50 -15.91
N ARG A 248 10.79 28.59 -15.17
CA ARG A 248 12.01 29.25 -14.74
C ARG A 248 11.62 30.22 -13.63
N ALA A 249 12.56 30.66 -12.80
CA ALA A 249 12.21 31.58 -11.72
C ALA A 249 11.40 32.78 -12.23
N ASN A 250 11.64 33.23 -13.46
CA ASN A 250 10.98 34.44 -13.95
C ASN A 250 9.57 34.24 -14.50
N ASN A 251 9.07 33.01 -14.50
CA ASN A 251 7.63 32.82 -14.75
C ASN A 251 6.92 31.96 -13.73
N VAL A 252 7.52 31.86 -12.55
CA VAL A 252 6.96 31.12 -11.43
C VAL A 252 6.69 32.04 -10.26
N ALA A 253 5.39 32.25 -10.00
CA ALA A 253 4.91 32.91 -8.80
C ALA A 253 4.86 31.86 -7.69
N PHE A 254 4.86 32.36 -6.45
CA PHE A 254 4.59 31.51 -5.29
C PHE A 254 3.45 32.15 -4.51
N THR A 255 2.52 31.32 -4.03
CA THR A 255 1.45 31.83 -3.12
C THR A 255 2.12 32.29 -1.82
N GLY A 256 3.12 31.54 -1.39
CA GLY A 256 3.96 31.88 -0.25
C GLY A 256 5.25 32.56 -0.67
N ASN A 257 6.31 32.32 0.08
CA ASN A 257 7.59 32.95 -0.22
C ASN A 257 8.30 32.13 -1.29
N ALA A 258 9.17 32.79 -2.06
CA ALA A 258 9.93 32.07 -3.08
C ALA A 258 11.00 31.19 -2.42
N TRP A 259 10.85 29.87 -2.43
CA TRP A 259 11.76 28.99 -1.70
C TRP A 259 12.88 28.40 -2.57
N THR A 260 12.74 28.59 -3.88
CA THR A 260 13.71 28.09 -4.82
C THR A 260 13.84 29.08 -5.96
N ARG A 261 15.06 29.20 -6.51
CA ARG A 261 15.32 29.89 -7.77
C ARG A 261 15.57 28.92 -8.93
N ASP A 262 15.61 27.63 -8.61
CA ASP A 262 15.85 26.57 -9.57
C ASP A 262 14.56 25.82 -9.80
N ILE A 263 14.24 25.60 -11.09
CA ILE A 263 13.13 24.73 -11.48
C ILE A 263 13.77 23.58 -12.23
N SER A 264 13.84 22.43 -11.56
CA SER A 264 14.65 21.32 -12.03
C SER A 264 13.84 20.00 -12.10
N HIS A 265 14.48 18.99 -12.73
CA HIS A 265 13.97 17.65 -13.05
C HIS A 265 12.61 17.32 -12.50
N GLY A 266 11.60 17.37 -13.37
CA GLY A 266 10.24 17.15 -12.98
C GLY A 266 9.42 16.32 -13.97
N GLU A 267 8.09 16.37 -13.79
CA GLU A 267 7.13 15.67 -14.65
C GLU A 267 5.81 16.39 -14.61
N LEU A 268 5.11 16.40 -15.75
CA LEU A 268 3.77 16.95 -15.80
C LEU A 268 2.76 15.91 -15.30
N ILE A 269 1.70 16.39 -14.68
CA ILE A 269 0.58 15.53 -14.38
C ILE A 269 -0.09 15.11 -15.70
N ARG A 270 -0.28 13.80 -15.89
CA ARG A 270 -0.74 13.25 -17.15
C ARG A 270 -2.26 13.13 -17.23
N SER A 271 -2.78 12.96 -18.43
CA SER A 271 -4.20 12.70 -18.60
C SER A 271 -4.51 11.22 -18.61
N GLY A 272 -3.47 10.38 -18.60
CA GLY A 272 -3.64 8.93 -18.60
C GLY A 272 -2.31 8.29 -18.32
N ASN A 273 -2.34 7.02 -17.91
CA ASN A 273 -1.17 6.36 -17.34
C ASN A 273 -0.48 5.37 -18.23
N ASP A 274 -0.96 5.22 -19.47
CA ASP A 274 -0.40 4.24 -20.37
C ASP A 274 0.86 4.69 -21.08
N GLN A 275 1.37 3.81 -21.94
CA GLN A 275 2.64 4.03 -22.60
C GLN A 275 2.67 5.15 -23.62
N THR A 276 1.52 5.78 -23.87
CA THR A 276 1.49 6.93 -24.79
C THR A 276 1.87 8.24 -24.11
N LEU A 277 2.03 8.23 -22.78
CA LEU A 277 2.45 9.45 -22.04
C LEU A 277 1.65 10.70 -22.48
N PRO A 278 0.32 10.65 -22.35
CA PRO A 278 -0.50 11.77 -22.73
C PRO A 278 -0.65 12.84 -21.66
N ILE A 279 -0.75 14.10 -22.11
CA ILE A 279 -1.15 15.20 -21.26
C ILE A 279 -2.33 15.93 -21.90
N SER A 280 -3.15 16.50 -21.03
CA SER A 280 -4.14 17.47 -21.46
C SER A 280 -3.42 18.80 -21.71
N PRO A 281 -3.88 19.58 -22.73
CA PRO A 281 -3.34 20.91 -22.88
C PRO A 281 -3.86 21.94 -21.87
N CYS A 282 -4.69 21.51 -20.93
CA CYS A 282 -5.41 22.37 -19.98
C CYS A 282 -4.89 22.17 -18.58
N ASN A 283 -4.84 23.25 -17.81
CA ASN A 283 -4.50 23.17 -16.39
C ASN A 283 -3.24 22.36 -16.17
N LEU A 284 -2.15 22.76 -16.80
CA LEU A 284 -0.90 22.01 -16.63
C LEU A 284 -0.44 22.11 -15.16
N ARG A 285 0.13 21.02 -14.66
CA ARG A 285 0.71 20.96 -13.33
CA ARG A 285 0.74 20.96 -13.33
C ARG A 285 2.04 20.22 -13.46
N TYR A 286 3.08 20.80 -12.88
CA TYR A 286 4.44 20.25 -13.01
C TYR A 286 4.97 19.95 -11.63
N LEU A 287 5.23 18.67 -11.38
CA LEU A 287 5.85 18.23 -10.13
C LEU A 287 7.35 18.29 -10.37
N TYR A 288 8.07 19.06 -9.56
CA TYR A 288 9.46 19.38 -9.88
C TYR A 288 10.30 19.33 -8.61
N GLN A 289 11.61 19.43 -8.78
CA GLN A 289 12.52 19.60 -7.67
C GLN A 289 13.12 21.00 -7.62
N GLY A 290 13.16 21.54 -6.40
CA GLY A 290 13.75 22.84 -6.11
C GLY A 290 14.60 22.74 -4.88
N LEU A 291 15.30 23.82 -4.56
CA LEU A 291 16.12 23.86 -3.36
C LEU A 291 16.40 25.28 -2.92
N ASP A 292 16.82 25.42 -1.67
CA ASP A 292 17.15 26.73 -1.13
C ASP A 292 18.27 27.37 -1.98
N PRO A 293 18.06 28.62 -2.43
CA PRO A 293 19.07 29.24 -3.33
C PRO A 293 20.41 29.53 -2.68
N ASN A 294 20.47 29.44 -1.35
CA ASN A 294 21.73 29.55 -0.64
C ASN A 294 22.47 28.24 -0.46
N SER A 295 21.89 27.15 -0.96
CA SER A 295 22.53 25.84 -0.87
C SER A 295 23.79 25.79 -1.71
N GLY A 296 24.81 25.17 -1.16
CA GLY A 296 26.05 24.97 -1.89
C GLY A 296 26.68 23.64 -1.53
N GLY A 297 27.89 23.46 -2.03
CA GLY A 297 28.64 22.26 -1.72
C GLY A 297 28.40 21.23 -2.78
N ASP A 298 28.77 20.01 -2.44
CA ASP A 298 28.79 18.90 -3.37
C ASP A 298 27.39 18.70 -3.95
N TYR A 299 27.33 18.52 -5.26
CA TYR A 299 26.04 18.38 -5.97
C TYR A 299 25.15 17.28 -5.35
N ASN A 300 25.72 16.12 -5.03
CA ASN A 300 24.91 14.97 -4.56
C ASN A 300 24.32 15.15 -3.15
N SER A 301 24.83 16.14 -2.40
CA SER A 301 24.38 16.42 -1.08
C SER A 301 23.37 17.58 -1.02
N LEU A 302 23.00 18.14 -2.18
CA LEU A 302 22.13 19.32 -2.18
C LEU A 302 20.73 18.98 -1.66
N PRO A 303 20.12 19.89 -0.91
CA PRO A 303 18.83 19.58 -0.30
C PRO A 303 17.62 19.80 -1.20
N TRP A 304 17.53 19.00 -2.25
CA TRP A 304 16.37 19.05 -3.17
C TRP A 304 15.11 18.58 -2.48
N LYS A 305 14.00 19.26 -2.78
CA LYS A 305 12.66 18.91 -2.30
C LYS A 305 11.71 19.05 -3.48
N LEU A 306 10.59 18.34 -3.41
CA LEU A 306 9.59 18.37 -4.48
C LEU A 306 8.53 19.41 -4.18
N GLY A 307 8.19 20.18 -5.19
CA GLY A 307 7.04 21.08 -5.19
C GLY A 307 6.18 20.92 -6.43
N LEU A 308 5.08 21.69 -6.49
CA LEU A 308 4.13 21.53 -7.56
C LEU A 308 3.79 22.89 -8.14
N LEU A 309 4.00 23.02 -9.45
CA LEU A 309 3.58 24.20 -10.19
C LEU A 309 2.19 23.98 -10.73
N THR A 310 1.33 24.97 -10.60
CA THR A 310 0.00 24.98 -11.20
C THR A 310 -0.07 26.11 -12.22
N GLN A 311 -0.44 25.79 -13.46
CA GLN A 311 -0.45 26.80 -14.50
C GLN A 311 -1.52 27.87 -14.20
N THR A 312 -1.13 29.13 -14.34
CA THR A 312 -2.04 30.26 -14.14
C THR A 312 -2.47 30.93 -15.44
N ASN A 313 -1.91 30.56 -16.58
CA ASN A 313 -2.40 31.06 -17.88
C ASN A 313 -3.02 29.93 -18.68
N SER A 314 -3.75 29.05 -17.98
CA SER A 314 -4.35 27.89 -18.63
C SER A 314 -5.37 28.23 -19.73
N ALA A 315 -5.32 27.43 -20.79
CA ALA A 315 -6.18 27.64 -21.97
C ALA A 315 -7.57 27.06 -21.79
N CYS A 316 -7.78 26.27 -20.75
CA CYS A 316 -9.00 25.47 -20.65
C CYS A 316 -9.03 24.68 -19.34
N ALA A 317 -10.14 23.97 -19.11
CA ALA A 317 -10.34 23.12 -17.93
C ALA A 317 -10.02 21.66 -18.26
N LEU B 1 -23.67 3.58 16.50
CA LEU B 1 -22.78 3.03 17.60
C LEU B 1 -22.47 4.05 18.67
N PRO B 2 -22.62 3.66 19.96
CA PRO B 2 -22.25 4.57 21.02
C PRO B 2 -20.73 4.64 21.17
N SER B 3 -20.23 5.60 21.94
CA SER B 3 -18.79 5.77 22.11
C SER B 3 -18.32 5.24 23.46
N SER B 4 -19.24 4.63 24.20
CA SER B 4 -18.87 3.79 25.34
C SER B 4 -19.73 2.53 25.30
N PHE B 5 -19.27 1.49 25.98
CA PHE B 5 -19.94 0.18 25.95
C PHE B 5 -20.10 -0.40 27.35
N ARG B 6 -21.21 -1.12 27.56
CA ARG B 6 -21.42 -1.94 28.74
C ARG B 6 -21.98 -3.27 28.29
N TRP B 7 -21.61 -4.33 29.01
CA TRP B 7 -22.00 -5.71 28.66
C TRP B 7 -22.42 -6.52 29.87
N SER B 8 -23.27 -7.51 29.62
CA SER B 8 -23.43 -8.65 30.51
C SER B 8 -22.87 -9.89 29.83
N SER B 9 -22.09 -10.66 30.57
CA SER B 9 -21.51 -11.89 30.03
C SER B 9 -22.25 -13.14 30.49
N SER B 10 -22.35 -14.10 29.57
CA SER B 10 -22.69 -15.47 29.93
C SER B 10 -21.59 -16.09 30.77
N GLY B 11 -21.85 -17.29 31.31
CA GLY B 11 -20.78 -18.13 31.78
C GLY B 11 -20.06 -18.74 30.58
N PRO B 12 -19.12 -19.64 30.83
CA PRO B 12 -18.43 -20.32 29.75
C PRO B 12 -19.43 -21.21 29.00
N LEU B 13 -19.60 -21.02 27.69
CA LEU B 13 -20.58 -21.74 26.90
C LEU B 13 -20.00 -22.84 26.05
N ILE B 14 -18.74 -22.73 25.68
CA ILE B 14 -18.06 -23.75 24.87
C ILE B 14 -16.67 -23.98 25.42
N GLY B 15 -16.43 -25.22 25.83
CA GLY B 15 -15.10 -25.67 26.24
C GLY B 15 -14.72 -26.97 25.55
N PRO B 16 -13.55 -27.51 25.88
CA PRO B 16 -13.10 -28.76 25.25
C PRO B 16 -13.98 -29.94 25.61
N LYS B 17 -14.00 -30.91 24.72
CA LYS B 17 -14.62 -32.19 24.96
C LYS B 17 -13.72 -33.09 25.79
N SER B 18 -14.36 -34.01 26.49
CA SER B 18 -13.68 -35.15 27.06
C SER B 18 -13.56 -36.26 25.98
N ASP B 19 -12.51 -36.19 25.17
CA ASP B 19 -12.33 -37.16 24.11
C ASP B 19 -10.82 -37.42 23.92
N SER B 20 -10.44 -38.25 22.95
CA SER B 20 -9.05 -38.65 22.82
C SER B 20 -8.10 -37.53 22.34
N ARG B 21 -8.65 -36.45 21.80
CA ARG B 21 -7.84 -35.30 21.36
C ARG B 21 -7.26 -34.55 22.56
N ARG B 22 -7.94 -34.62 23.69
CA ARG B 22 -7.46 -34.00 24.95
C ARG B 22 -7.11 -32.51 24.74
N ILE B 23 -8.02 -31.79 24.08
CA ILE B 23 -7.82 -30.36 23.87
C ILE B 23 -7.86 -29.65 25.24
N GLN B 24 -6.99 -28.66 25.41
CA GLN B 24 -6.94 -27.88 26.64
C GLN B 24 -7.67 -26.54 26.58
N GLY B 25 -7.62 -25.86 25.44
CA GLY B 25 -8.31 -24.58 25.26
C GLY B 25 -9.06 -24.56 23.94
N ILE B 26 -10.20 -23.86 23.95
CA ILE B 26 -10.95 -23.55 22.75
C ILE B 26 -10.88 -22.05 22.59
N LYS B 27 -10.48 -21.59 21.40
CA LYS B 27 -9.95 -20.25 21.24
C LYS B 27 -10.33 -19.56 19.94
N ASP B 28 -10.16 -18.24 19.94
CA ASP B 28 -10.10 -17.47 18.69
C ASP B 28 -11.32 -17.64 17.74
N PRO B 29 -12.53 -17.57 18.28
CA PRO B 29 -13.69 -17.99 17.50
C PRO B 29 -14.09 -17.12 16.34
N SER B 30 -14.67 -17.77 15.34
CA SER B 30 -15.38 -17.12 14.23
C SER B 30 -16.79 -17.70 14.17
N VAL B 31 -17.73 -16.85 13.77
CA VAL B 31 -19.15 -17.24 13.89
C VAL B 31 -20.01 -16.61 12.80
N VAL B 32 -20.85 -17.45 12.21
CA VAL B 32 -21.91 -17.02 11.31
C VAL B 32 -23.19 -17.79 11.59
N TYR B 33 -24.32 -17.17 11.23
CA TYR B 33 -25.64 -17.81 11.34
C TYR B 33 -26.14 -18.01 9.95
N HIS B 34 -26.34 -19.27 9.53
CA HIS B 34 -26.68 -19.60 8.16
C HIS B 34 -27.65 -20.78 8.18
N ASP B 35 -28.67 -20.69 7.33
CA ASP B 35 -29.68 -21.74 7.22
C ASP B 35 -30.28 -22.07 8.59
N GLY B 36 -30.53 -21.05 9.41
CA GLY B 36 -31.14 -21.22 10.71
C GLY B 36 -30.27 -21.86 11.79
N ARG B 37 -28.96 -21.96 11.56
CA ARG B 37 -28.05 -22.56 12.52
C ARG B 37 -26.78 -21.71 12.67
N TRP B 38 -26.20 -21.75 13.87
CA TRP B 38 -24.88 -21.16 14.13
C TRP B 38 -23.79 -22.08 13.61
N HIS B 39 -22.71 -21.46 13.10
CA HIS B 39 -21.54 -22.18 12.60
C HIS B 39 -20.36 -21.51 13.25
N VAL B 40 -19.72 -22.22 14.19
CA VAL B 40 -18.60 -21.66 14.95
C VAL B 40 -17.36 -22.43 14.58
N PHE B 41 -16.29 -21.70 14.29
CA PHE B 41 -14.98 -22.22 14.00
C PHE B 41 -14.09 -21.69 15.09
N ALA B 42 -13.19 -22.52 15.61
CA ALA B 42 -12.32 -22.11 16.70
C ALA B 42 -10.99 -22.84 16.61
N SER B 43 -9.95 -22.26 17.20
CA SER B 43 -8.70 -22.95 17.43
C SER B 43 -8.86 -24.00 18.52
N THR B 44 -8.25 -25.15 18.31
CA THR B 44 -7.98 -26.08 19.38
C THR B 44 -6.56 -25.84 19.86
N ALA B 45 -6.35 -25.85 21.17
CA ALA B 45 -5.06 -25.59 21.74
C ALA B 45 -4.76 -26.59 22.82
N LYS B 46 -3.53 -27.10 22.77
CA LYS B 46 -3.01 -27.97 23.83
C LYS B 46 -1.49 -27.91 23.78
N THR B 47 -0.85 -28.57 24.74
CA THR B 47 0.63 -28.69 24.78
C THR B 47 1.18 -29.09 23.43
N GLU B 48 0.48 -30.03 22.83
CA GLU B 48 0.88 -30.68 21.64
C GLU B 48 0.61 -29.84 20.37
N GLY B 49 -0.10 -28.70 20.48
CA GLY B 49 -0.17 -27.72 19.39
C GLY B 49 -1.58 -27.20 19.08
N TYR B 50 -1.72 -26.64 17.87
CA TYR B 50 -2.91 -25.91 17.45
C TYR B 50 -3.50 -26.47 16.17
N ASN B 51 -4.83 -26.59 16.15
CA ASN B 51 -5.53 -26.95 14.92
C ASN B 51 -6.92 -26.27 15.01
N LEU B 52 -7.90 -26.74 14.24
CA LEU B 52 -9.17 -26.04 14.12
C LEU B 52 -10.35 -26.98 14.30
N VAL B 53 -11.45 -26.45 14.80
CA VAL B 53 -12.66 -27.24 15.04
C VAL B 53 -13.89 -26.47 14.54
N TYR B 54 -14.88 -27.24 14.09
CA TYR B 54 -16.15 -26.70 13.60
C TYR B 54 -17.27 -27.23 14.50
N ILE B 55 -18.17 -26.34 14.87
CA ILE B 55 -19.24 -26.67 15.81
C ILE B 55 -20.50 -26.03 15.23
N SER B 56 -21.61 -26.76 15.14
CA SER B 56 -22.87 -26.17 14.65
C SER B 56 -24.00 -26.56 15.57
N PHE B 57 -24.94 -25.62 15.76
CA PHE B 57 -26.06 -25.79 16.70
C PHE B 57 -27.12 -24.71 16.39
N THR B 58 -28.36 -24.87 16.86
CA THR B 58 -29.37 -23.85 16.61
C THR B 58 -29.46 -22.90 17.80
N ASP B 59 -29.23 -23.41 19.00
CA ASP B 59 -29.57 -22.72 20.25
C ASP B 59 -28.27 -22.63 21.06
N TRP B 60 -27.88 -21.41 21.49
CA TRP B 60 -26.67 -21.26 22.29
C TRP B 60 -26.67 -22.04 23.61
N ALA B 61 -27.82 -22.39 24.13
CA ALA B 61 -27.85 -23.27 25.31
C ALA B 61 -27.35 -24.68 25.02
N GLN B 62 -27.28 -25.06 23.74
CA GLN B 62 -26.73 -26.32 23.31
C GLN B 62 -25.33 -26.23 22.73
N ALA B 63 -24.74 -25.03 22.67
CA ALA B 63 -23.44 -24.89 22.01
C ALA B 63 -22.31 -25.68 22.70
N GLY B 64 -22.40 -25.78 24.02
CA GLY B 64 -21.39 -26.44 24.82
C GLY B 64 -21.43 -27.95 24.73
N SER B 65 -22.51 -28.48 24.17
CA SER B 65 -22.64 -29.93 24.01
C SER B 65 -22.67 -30.35 22.56
N ALA B 66 -22.77 -29.39 21.62
CA ALA B 66 -22.76 -29.72 20.21
C ALA B 66 -21.52 -30.53 19.84
N SER B 67 -21.69 -31.47 18.92
CA SER B 67 -20.57 -32.27 18.45
C SER B 67 -19.48 -31.38 17.84
N PHE B 68 -18.25 -31.78 18.09
CA PHE B 68 -17.08 -31.13 17.51
C PHE B 68 -16.67 -31.91 16.26
N TYR B 69 -16.54 -31.21 15.12
CA TYR B 69 -15.91 -31.76 13.94
C TYR B 69 -14.50 -31.20 13.87
N TYR B 70 -13.53 -32.04 14.19
CA TYR B 70 -12.14 -31.62 14.07
C TYR B 70 -11.75 -31.49 12.62
N LEU B 71 -11.30 -30.29 12.25
CA LEU B 71 -11.12 -29.94 10.85
C LEU B 71 -9.84 -30.55 10.25
N ASP B 72 -8.98 -31.14 11.10
CA ASP B 72 -7.87 -31.95 10.61
C ASP B 72 -8.36 -33.23 9.91
N GLN B 73 -9.66 -33.48 9.92
CA GLN B 73 -10.27 -34.60 9.20
C GLN B 73 -10.67 -34.23 7.78
N ALA B 74 -10.66 -32.93 7.49
CA ALA B 74 -10.82 -32.42 6.13
C ALA B 74 -9.43 -32.34 5.51
N PRO B 75 -9.36 -32.10 4.18
CA PRO B 75 -8.06 -31.90 3.57
C PRO B 75 -7.26 -30.77 4.21
N LEU B 76 -7.95 -29.79 4.80
CA LEU B 76 -7.30 -28.77 5.63
C LEU B 76 -6.21 -29.38 6.51
N GLY B 77 -6.56 -30.48 7.15
CA GLY B 77 -5.55 -31.43 7.68
C GLY B 77 -4.84 -31.11 8.98
N THR B 78 -3.98 -32.03 9.37
CA THR B 78 -3.13 -31.89 10.52
C THR B 78 -1.99 -30.89 10.28
N GLY B 79 -1.31 -30.54 11.36
CA GLY B 79 -0.27 -29.52 11.33
C GLY B 79 -0.82 -28.30 12.05
N TYR B 80 0.01 -27.27 12.18
CA TYR B 80 -0.40 -26.05 12.82
C TYR B 80 -1.38 -25.29 11.93
N ARG B 81 -2.56 -25.01 12.49
CA ARG B 81 -3.49 -24.03 11.93
C ARG B 81 -4.14 -23.37 13.12
N ALA B 82 -4.39 -22.06 13.08
CA ALA B 82 -5.04 -21.39 14.20
C ALA B 82 -5.77 -20.11 13.77
N ALA B 83 -6.75 -19.70 14.57
CA ALA B 83 -7.39 -18.39 14.52
C ALA B 83 -8.15 -18.18 13.19
N PRO B 84 -9.29 -18.87 13.08
CA PRO B 84 -10.05 -18.87 11.83
C PRO B 84 -10.97 -17.68 11.64
N GLN B 85 -11.30 -17.40 10.39
CA GLN B 85 -12.33 -16.42 10.06
C GLN B 85 -13.14 -17.01 8.93
N VAL B 86 -14.45 -17.18 9.12
CA VAL B 86 -15.29 -17.75 8.05
C VAL B 86 -16.12 -16.64 7.43
N PHE B 87 -16.32 -16.70 6.13
CA PHE B 87 -17.28 -15.82 5.46
C PHE B 87 -17.61 -16.40 4.09
N TYR B 88 -18.70 -15.93 3.51
CA TYR B 88 -19.15 -16.37 2.21
C TYR B 88 -18.71 -15.36 1.19
N PHE B 89 -17.88 -15.80 0.26
CA PHE B 89 -17.39 -14.93 -0.80
C PHE B 89 -18.39 -15.01 -1.96
N ALA B 90 -19.39 -14.14 -1.89
CA ALA B 90 -20.53 -14.18 -2.82
C ALA B 90 -20.16 -14.19 -4.32
N PRO B 91 -19.14 -13.43 -4.76
CA PRO B 91 -18.86 -13.44 -6.21
C PRO B 91 -18.45 -14.82 -6.75
N GLN B 92 -17.89 -15.69 -5.91
CA GLN B 92 -17.49 -17.05 -6.30
C GLN B 92 -18.48 -18.13 -5.83
N ARG B 93 -19.44 -17.75 -5.00
CA ARG B 93 -20.34 -18.71 -4.36
C ARG B 93 -19.51 -19.80 -3.66
N LEU B 94 -18.48 -19.36 -2.94
CA LEU B 94 -17.68 -20.25 -2.08
C LEU B 94 -17.55 -19.64 -0.70
N TRP B 95 -17.62 -20.48 0.33
CA TRP B 95 -17.20 -20.06 1.65
C TRP B 95 -15.69 -20.10 1.72
N TYR B 96 -15.14 -19.14 2.46
CA TYR B 96 -13.72 -19.07 2.76
C TYR B 96 -13.52 -19.22 4.25
N LEU B 97 -12.45 -19.92 4.60
CA LEU B 97 -11.99 -20.02 5.97
C LEU B 97 -10.57 -19.56 5.96
N VAL B 98 -10.32 -18.41 6.59
CA VAL B 98 -8.98 -17.79 6.65
C VAL B 98 -8.35 -18.10 7.99
N TYR B 99 -7.05 -18.37 8.02
CA TYR B 99 -6.36 -18.74 9.25
C TYR B 99 -4.87 -18.63 9.04
N GLN B 100 -4.13 -18.86 10.10
CA GLN B 100 -2.67 -18.80 10.05
C GLN B 100 -2.06 -20.20 10.09
N ASN B 101 -0.97 -20.36 9.34
CA ASN B 101 -0.25 -21.65 9.32
C ASN B 101 1.27 -21.40 9.32
N GLY B 102 1.70 -20.20 9.72
CA GLY B 102 3.05 -19.69 9.44
C GLY B 102 3.04 -18.63 8.33
N ASN B 103 2.08 -18.76 7.43
CA ASN B 103 1.73 -17.77 6.43
C ASN B 103 0.26 -17.37 6.70
N ALA B 104 -0.27 -16.49 5.86
CA ALA B 104 -1.69 -16.17 5.82
C ALA B 104 -2.34 -17.14 4.86
N ALA B 105 -3.22 -18.00 5.37
CA ALA B 105 -3.74 -19.15 4.64
C ALA B 105 -5.25 -19.13 4.52
N TYR B 106 -5.74 -19.91 3.59
CA TYR B 106 -7.19 -20.08 3.44
C TYR B 106 -7.54 -21.43 2.88
N SER B 107 -8.75 -21.84 3.21
CA SER B 107 -9.45 -22.97 2.60
C SER B 107 -10.77 -22.50 2.01
N THR B 108 -11.31 -23.24 1.07
CA THR B 108 -12.61 -22.93 0.49
C THR B 108 -13.52 -24.13 0.66
N ASN B 109 -14.82 -23.86 0.55
CA ASN B 109 -15.83 -24.91 0.63
C ASN B 109 -17.12 -24.38 0.04
N PRO B 110 -17.71 -25.09 -0.95
CA PRO B 110 -18.99 -24.60 -1.45
C PRO B 110 -20.16 -24.70 -0.45
N ASP B 111 -20.03 -25.53 0.59
CA ASP B 111 -21.13 -25.73 1.54
C ASP B 111 -20.61 -25.79 2.98
N ILE B 112 -20.88 -24.73 3.72
CA ILE B 112 -20.47 -24.67 5.12
C ILE B 112 -21.02 -25.82 5.97
N ASN B 113 -22.14 -26.40 5.57
CA ASN B 113 -22.72 -27.58 6.26
C ASN B 113 -21.91 -28.89 6.08
N ASN B 114 -20.93 -28.91 5.17
CA ASN B 114 -20.09 -30.07 4.96
C ASN B 114 -18.64 -29.79 5.41
N PRO B 115 -18.37 -29.90 6.74
CA PRO B 115 -17.01 -29.59 7.19
C PRO B 115 -15.91 -30.48 6.61
N ALA B 116 -16.23 -31.69 6.14
CA ALA B 116 -15.26 -32.55 5.52
C ALA B 116 -14.67 -32.00 4.23
N GLY B 117 -15.34 -31.03 3.62
CA GLY B 117 -14.95 -30.47 2.34
C GLY B 117 -13.91 -29.37 2.34
N TRP B 118 -13.51 -28.88 3.50
CA TRP B 118 -12.57 -27.77 3.52
C TRP B 118 -11.22 -28.16 2.93
N THR B 119 -10.77 -27.36 1.96
CA THR B 119 -9.62 -27.69 1.15
C THR B 119 -8.31 -27.62 1.96
N ALA B 120 -7.28 -28.26 1.43
CA ALA B 120 -5.92 -28.11 1.99
C ALA B 120 -5.50 -26.64 1.88
N PRO B 121 -4.66 -26.15 2.78
CA PRO B 121 -4.38 -24.72 2.74
C PRO B 121 -3.71 -24.24 1.48
N ARG B 122 -4.12 -23.06 1.08
CA ARG B 122 -3.37 -22.25 0.12
C ARG B 122 -3.03 -20.96 0.82
N THR B 123 -2.06 -20.21 0.30
CA THR B 123 -1.65 -18.97 0.96
C THR B 123 -1.92 -17.69 0.17
N PHE B 124 -2.14 -16.57 0.87
CA PHE B 124 -2.34 -15.28 0.23
C PHE B 124 -1.04 -14.63 -0.22
N TYR B 125 0.07 -15.06 0.37
CA TYR B 125 1.39 -14.53 0.04
C TYR B 125 2.35 -15.70 -0.26
N SER B 126 3.42 -15.42 -0.99
CA SER B 126 4.42 -16.49 -1.27
C SER B 126 5.27 -16.84 -0.03
N GLY B 127 5.36 -15.89 0.88
CA GLY B 127 6.11 -16.03 2.11
C GLY B 127 5.88 -14.78 2.91
N MET B 128 6.55 -14.67 4.06
CA MET B 128 6.44 -13.47 4.89
C MET B 128 6.88 -12.23 4.14
N PRO B 129 5.98 -11.23 4.02
CA PRO B 129 6.36 -9.97 3.41
C PRO B 129 7.58 -9.31 4.06
N ALA B 130 8.40 -8.64 3.26
CA ALA B 130 9.58 -7.96 3.79
C ALA B 130 9.21 -6.99 4.93
N ILE B 131 8.13 -6.22 4.74
CA ILE B 131 7.77 -5.22 5.77
C ILE B 131 7.46 -5.88 7.12
N ILE B 132 6.85 -7.06 7.07
CA ILE B 132 6.60 -7.80 8.29
C ILE B 132 7.90 -8.34 8.86
N ARG B 133 8.70 -9.02 8.04
CA ARG B 133 10.02 -9.47 8.46
C ARG B 133 10.80 -8.32 9.13
N ASN B 134 10.68 -7.14 8.55
CA ASN B 134 11.50 -6.01 9.01
C ASN B 134 11.06 -5.42 10.35
N ASN B 135 9.79 -5.58 10.67
CA ASN B 135 9.17 -4.91 11.83
C ASN B 135 8.63 -5.86 12.94
N ILE B 136 8.75 -7.16 12.72
CA ILE B 136 8.15 -8.13 13.63
C ILE B 136 8.84 -8.28 14.98
N GLY B 137 10.10 -7.82 15.09
CA GLY B 137 10.83 -8.03 16.34
C GLY B 137 10.99 -9.51 16.71
N ASN B 138 10.60 -9.85 17.93
CA ASN B 138 10.47 -11.25 18.36
C ASN B 138 9.02 -11.72 18.40
N GLY B 139 8.19 -11.10 17.56
CA GLY B 139 6.78 -11.43 17.49
C GLY B 139 6.44 -12.66 16.66
N HIS B 140 5.17 -12.69 16.27
CA HIS B 140 4.56 -13.83 15.59
C HIS B 140 3.57 -13.28 14.61
N TRP B 141 3.50 -13.84 13.41
CA TRP B 141 2.62 -13.33 12.36
C TRP B 141 1.30 -14.07 12.47
N VAL B 142 0.29 -13.33 12.95
CA VAL B 142 -0.95 -13.98 13.41
C VAL B 142 -2.21 -13.18 13.05
N ASP B 143 -3.35 -13.86 13.17
CA ASP B 143 -4.67 -13.25 13.25
C ASP B 143 -5.08 -12.55 11.97
N MET B 144 -5.30 -13.40 10.97
CA MET B 144 -5.57 -12.99 9.63
C MET B 144 -7.04 -12.69 9.45
N TRP B 145 -7.34 -11.56 8.83
CA TRP B 145 -8.71 -11.05 8.73
C TRP B 145 -9.00 -10.38 7.38
N VAL B 146 -9.98 -10.92 6.65
CA VAL B 146 -10.42 -10.34 5.37
C VAL B 146 -11.70 -9.52 5.52
N ILE B 147 -11.76 -8.38 4.84
CA ILE B 147 -13.00 -7.61 4.66
C ILE B 147 -12.92 -6.92 3.32
N CYS B 148 -14.01 -6.99 2.57
CA CYS B 148 -14.08 -6.41 1.23
C CYS B 148 -15.11 -5.34 1.18
N ASP B 149 -14.88 -4.37 0.30
CA ASP B 149 -15.90 -3.41 -0.06
C ASP B 149 -16.34 -3.71 -1.52
N SER B 150 -16.99 -2.76 -2.20
CA SER B 150 -17.46 -3.03 -3.55
C SER B 150 -16.33 -3.08 -4.60
N SER B 151 -15.13 -2.60 -4.25
CA SER B 151 -13.99 -2.60 -5.17
C SER B 151 -12.79 -3.43 -4.78
N LEU B 152 -12.50 -3.49 -3.48
CA LEU B 152 -11.23 -4.05 -2.98
C LEU B 152 -11.52 -5.06 -1.89
N CYS B 153 -10.66 -6.06 -1.80
CA CYS B 153 -10.58 -6.94 -0.62
C CYS B 153 -9.35 -6.54 0.16
N HIS B 154 -9.47 -6.54 1.47
CA HIS B 154 -8.40 -6.14 2.37
C HIS B 154 -8.07 -7.32 3.27
N LEU B 155 -6.80 -7.50 3.56
CA LEU B 155 -6.30 -8.57 4.40
C LEU B 155 -5.46 -7.96 5.52
N PHE B 156 -5.98 -8.04 6.74
CA PHE B 156 -5.30 -7.52 7.91
C PHE B 156 -4.56 -8.64 8.63
N SER B 157 -3.44 -8.30 9.29
CA SER B 157 -2.73 -9.24 10.14
C SER B 157 -1.92 -8.47 11.21
N SER B 158 -1.46 -9.21 12.20
CA SER B 158 -0.70 -8.68 13.36
C SER B 158 0.64 -9.34 13.46
N ASP B 159 1.56 -8.67 14.16
CA ASP B 159 2.86 -9.29 14.40
C ASP B 159 3.20 -9.52 15.89
N ASP B 160 2.21 -9.37 16.79
CA ASP B 160 2.47 -9.31 18.24
C ASP B 160 3.63 -8.35 18.59
N ASN B 161 3.80 -7.31 17.78
CA ASN B 161 4.87 -6.34 18.02
C ASN B 161 4.42 -4.91 17.80
N GLY B 162 3.11 -4.70 17.87
CA GLY B 162 2.53 -3.37 17.84
C GLY B 162 2.22 -2.83 16.45
N HIS B 163 2.18 -3.70 15.43
CA HIS B 163 1.79 -3.30 14.09
C HIS B 163 0.57 -4.06 13.62
N LEU B 164 -0.35 -3.34 13.00
CA LEU B 164 -1.46 -3.90 12.24
C LEU B 164 -1.18 -3.65 10.79
N TYR B 165 -1.10 -4.73 10.02
CA TYR B 165 -0.78 -4.70 8.60
C TYR B 165 -2.05 -4.81 7.77
N ARG B 166 -2.05 -4.20 6.60
CA ARG B 166 -3.19 -4.29 5.67
C ARG B 166 -2.71 -4.38 4.24
N SER B 167 -3.06 -5.50 3.59
CA SER B 167 -2.92 -5.67 2.15
C SER B 167 -4.24 -5.49 1.43
N GLN B 168 -4.18 -5.27 0.13
CA GLN B 168 -5.37 -5.23 -0.70
C GLN B 168 -5.16 -5.89 -2.06
N THR B 169 -6.31 -6.30 -2.61
CA THR B 169 -6.39 -6.81 -3.98
C THR B 169 -7.77 -6.47 -4.51
N SER B 170 -7.96 -6.51 -5.82
CA SER B 170 -9.29 -6.26 -6.34
C SER B 170 -10.25 -7.37 -5.99
N LEU B 171 -11.53 -7.03 -5.89
CA LEU B 171 -12.61 -8.00 -5.66
C LEU B 171 -12.56 -9.13 -6.69
N SER B 172 -12.28 -8.77 -7.94
CA SER B 172 -12.15 -9.73 -9.02
C SER B 172 -10.94 -10.66 -8.91
N ASN B 173 -9.82 -10.18 -8.35
CA ASN B 173 -8.61 -11.02 -8.28
C ASN B 173 -8.61 -11.96 -7.06
N PHE B 174 -9.34 -11.56 -6.01
CA PHE B 174 -9.38 -12.34 -4.75
C PHE B 174 -9.58 -13.83 -5.07
N PRO B 175 -8.80 -14.73 -4.45
CA PRO B 175 -7.84 -14.52 -3.33
C PRO B 175 -6.42 -14.19 -3.76
N ASN B 176 -6.19 -14.05 -5.06
CA ASN B 176 -4.86 -13.74 -5.58
C ASN B 176 -4.61 -12.24 -5.68
N GLY B 177 -3.33 -11.88 -5.79
CA GLY B 177 -2.92 -10.53 -6.08
C GLY B 177 -2.73 -9.61 -4.89
N PHE B 178 -2.82 -10.14 -3.66
CA PHE B 178 -2.61 -9.26 -2.52
C PHE B 178 -1.20 -8.65 -2.58
N ASN B 179 -1.14 -7.37 -2.33
CA ASN B 179 0.14 -6.71 -2.31
C ASN B 179 0.82 -6.98 -0.98
N GLU B 180 2.11 -6.77 -0.91
CA GLU B 180 2.71 -6.80 0.41
CA GLU B 180 2.81 -6.68 0.36
C GLU B 180 2.09 -5.60 1.21
N PRO B 181 1.86 -5.81 2.51
CA PRO B 181 0.98 -4.85 3.21
C PRO B 181 1.59 -3.50 3.58
N VAL B 182 0.73 -2.54 3.89
CA VAL B 182 1.12 -1.29 4.56
C VAL B 182 0.89 -1.46 6.08
N ILE B 183 1.50 -0.59 6.88
CA ILE B 183 1.23 -0.54 8.30
C ILE B 183 -0.02 0.33 8.43
N ALA B 184 -1.14 -0.29 8.81
CA ALA B 184 -2.41 0.40 8.94
C ALA B 184 -2.50 1.16 10.25
N MET B 185 -1.87 0.63 11.28
CA MET B 185 -1.86 1.25 12.61
C MET B 185 -0.67 0.70 13.37
N GLN B 186 -0.06 1.52 14.23
CA GLN B 186 1.03 1.04 15.06
C GLN B 186 1.09 1.75 16.39
N ASP B 187 1.73 1.08 17.34
CA ASP B 187 2.02 1.67 18.65
C ASP B 187 3.41 1.27 19.05
N SER B 188 4.12 2.22 19.65
CA SER B 188 5.44 1.97 20.18
C SER B 188 5.45 0.91 21.28
N ASN B 189 4.30 0.74 21.96
CA ASN B 189 4.12 -0.25 23.02
C ASN B 189 3.24 -1.35 22.45
N LYS B 190 3.83 -2.51 22.20
CA LYS B 190 3.13 -3.63 21.57
C LYS B 190 1.95 -4.08 22.39
N ASN B 191 1.98 -3.88 23.71
CA ASN B 191 0.84 -4.28 24.55
C ASN B 191 -0.41 -3.46 24.26
N ARG B 192 -0.25 -2.23 23.77
CA ARG B 192 -1.38 -1.37 23.44
C ARG B 192 -2.11 -1.80 22.16
N LEU B 193 -1.41 -2.53 21.30
CA LEU B 193 -1.96 -2.89 19.97
C LEU B 193 -1.41 -4.27 19.66
N PHE B 194 -1.93 -5.28 20.34
CA PHE B 194 -1.22 -6.55 20.40
C PHE B 194 -1.56 -7.55 19.29
N GLU B 195 -2.82 -7.95 19.20
CA GLU B 195 -3.22 -8.88 18.15
C GLU B 195 -4.73 -8.90 18.02
N ALA B 196 -5.23 -9.85 17.21
CA ALA B 196 -6.66 -10.21 17.17
C ALA B 196 -7.55 -9.05 16.70
N ALA B 197 -7.22 -8.51 15.53
CA ALA B 197 -8.10 -7.51 14.93
C ALA B 197 -9.46 -8.10 14.50
N ASN B 198 -10.50 -7.27 14.58
CA ASN B 198 -11.76 -7.47 13.84
C ASN B 198 -12.01 -6.19 13.08
N VAL B 199 -12.46 -6.30 11.83
CA VAL B 199 -12.85 -5.13 11.03
C VAL B 199 -14.20 -5.40 10.41
N TYR B 200 -15.16 -4.48 10.62
CA TYR B 200 -16.52 -4.69 10.16
C TYR B 200 -17.06 -3.45 9.48
N ARG B 201 -17.99 -3.64 8.55
CA ARG B 201 -18.82 -2.56 8.04
C ARG B 201 -19.99 -2.35 8.98
N ILE B 202 -20.27 -1.11 9.36
CA ILE B 202 -21.40 -0.81 10.26
C ILE B 202 -22.68 -0.51 9.43
N ASP B 203 -23.67 -1.40 9.50
CA ASP B 203 -24.93 -1.23 8.73
C ASP B 203 -25.57 0.12 9.03
N GLY B 204 -26.21 0.70 8.01
CA GLY B 204 -26.88 2.00 8.15
C GLY B 204 -25.97 3.22 8.21
N SER B 205 -24.70 3.02 7.89
CA SER B 205 -23.72 4.10 7.90
C SER B 205 -22.72 3.86 6.78
N ASN B 206 -21.88 4.85 6.51
CA ASN B 206 -20.73 4.69 5.62
C ASN B 206 -19.44 4.45 6.45
N GLU B 207 -19.60 3.87 7.63
CA GLU B 207 -18.46 3.68 8.52
C GLU B 207 -18.09 2.22 8.76
N TYR B 208 -16.85 2.05 9.23
CA TYR B 208 -16.28 0.75 9.58
C TYR B 208 -15.84 0.79 11.02
N LEU B 209 -15.84 -0.39 11.65
CA LEU B 209 -15.40 -0.55 13.02
C LEU B 209 -14.15 -1.40 13.05
N LEU B 210 -13.11 -0.92 13.77
CA LEU B 210 -11.92 -1.70 14.07
C LEU B 210 -11.91 -2.05 15.54
N LEU B 211 -11.78 -3.34 15.84
CA LEU B 211 -11.55 -3.84 17.21
C LEU B 211 -10.15 -4.43 17.24
N HIS B 212 -9.46 -4.30 18.38
CA HIS B 212 -8.09 -4.82 18.47
C HIS B 212 -7.78 -5.19 19.89
N GLU B 213 -7.18 -6.38 20.09
CA GLU B 213 -6.87 -6.82 21.45
C GLU B 213 -5.59 -6.12 21.95
N ALA B 214 -5.58 -5.91 23.26
CA ALA B 214 -4.47 -5.30 23.99
C ALA B 214 -4.24 -6.04 25.29
N ILE B 215 -3.09 -5.77 25.91
CA ILE B 215 -2.73 -6.27 27.21
C ILE B 215 -2.59 -5.06 28.14
N GLY B 216 -3.48 -4.96 29.11
CA GLY B 216 -3.60 -3.72 29.91
C GLY B 216 -2.61 -3.65 31.05
N SER B 217 -2.73 -2.56 31.80
CA SER B 217 -1.86 -2.25 32.92
C SER B 217 -1.89 -3.32 34.03
N ASP B 218 -3.00 -4.05 34.10
CA ASP B 218 -3.16 -5.19 35.03
C ASP B 218 -2.76 -6.54 34.44
N GLY B 219 -2.17 -6.54 33.23
CA GLY B 219 -1.80 -7.77 32.56
C GLY B 219 -2.94 -8.54 31.90
N ARG B 220 -4.15 -7.99 31.93
CA ARG B 220 -5.34 -8.69 31.41
C ARG B 220 -5.66 -8.26 29.98
N ARG B 221 -6.21 -9.20 29.21
CA ARG B 221 -6.60 -8.91 27.84
C ARG B 221 -7.88 -8.08 27.81
N TRP B 222 -7.92 -7.19 26.82
CA TRP B 222 -9.05 -6.31 26.58
C TRP B 222 -9.08 -5.84 25.17
N PHE B 223 -10.16 -5.15 24.79
CA PHE B 223 -10.35 -4.66 23.42
C PHE B 223 -10.52 -3.16 23.36
N ARG B 224 -9.79 -2.58 22.40
CA ARG B 224 -9.92 -1.19 21.99
C ARG B 224 -10.69 -1.10 20.69
N SER B 225 -11.25 0.07 20.40
CA SER B 225 -12.06 0.27 19.21
C SER B 225 -11.87 1.63 18.55
N TRP B 226 -12.05 1.63 17.24
CA TRP B 226 -11.92 2.83 16.39
C TRP B 226 -12.95 2.73 15.27
N THR B 227 -13.25 3.85 14.63
CA THR B 227 -14.09 3.86 13.45
C THR B 227 -13.43 4.67 12.36
N SER B 228 -13.87 4.43 11.12
CA SER B 228 -13.36 5.13 9.94
C SER B 228 -14.41 5.13 8.83
N THR B 229 -14.28 6.02 7.87
CA THR B 229 -15.11 5.94 6.67
C THR B 229 -14.46 5.12 5.57
N SER B 230 -13.32 4.52 5.87
CA SER B 230 -12.66 3.63 4.91
C SER B 230 -11.97 2.50 5.64
N ILE B 231 -11.99 1.33 5.01
CA ILE B 231 -11.23 0.17 5.51
C ILE B 231 -9.74 0.52 5.59
N ALA B 232 -9.30 1.45 4.73
CA ALA B 232 -7.90 1.82 4.71
C ALA B 232 -7.56 2.91 5.73
N GLY B 233 -8.55 3.37 6.50
CA GLY B 233 -8.31 4.41 7.50
C GLY B 233 -8.50 5.80 6.91
N PRO B 234 -8.20 6.85 7.68
CA PRO B 234 -7.60 6.80 9.01
C PRO B 234 -8.63 6.42 10.08
N TRP B 235 -8.13 5.92 11.20
CA TRP B 235 -8.98 5.38 12.26
C TRP B 235 -9.05 6.38 13.38
N ARG B 236 -10.28 6.63 13.84
CA ARG B 236 -10.56 7.56 14.93
C ARG B 236 -10.99 6.77 16.15
N ALA B 237 -10.35 7.05 17.29
CA ALA B 237 -10.66 6.33 18.53
C ALA B 237 -12.15 6.40 18.81
N LEU B 238 -12.71 5.26 19.19
CA LEU B 238 -14.07 5.19 19.67
C LEU B 238 -14.05 4.97 21.19
N ALA B 239 -13.96 3.72 21.62
CA ALA B 239 -13.70 3.39 23.02
C ALA B 239 -12.38 2.63 23.04
N ASP B 240 -11.30 3.35 23.33
CA ASP B 240 -9.94 2.80 23.17
C ASP B 240 -9.05 2.96 24.40
N GLN B 241 -9.64 3.19 25.57
CA GLN B 241 -8.84 3.41 26.80
C GLN B 241 -9.31 2.50 27.90
N GLU B 242 -8.44 2.23 28.86
CA GLU B 242 -8.79 1.33 29.93
C GLU B 242 -10.02 1.82 30.70
N SER B 243 -10.19 3.14 30.85
CA SER B 243 -11.38 3.71 31.48
C SER B 243 -12.57 3.87 30.53
N ASN B 244 -12.36 3.70 29.21
CA ASN B 244 -13.46 3.68 28.25
C ASN B 244 -13.16 2.65 27.16
N PRO B 245 -13.30 1.37 27.51
CA PRO B 245 -12.84 0.30 26.65
C PRO B 245 -13.95 -0.19 25.75
N PHE B 246 -13.60 -0.89 24.68
CA PHE B 246 -14.65 -1.62 23.95
C PHE B 246 -15.20 -2.76 24.82
N ALA B 247 -14.30 -3.61 25.34
CA ALA B 247 -14.67 -4.70 26.22
C ALA B 247 -13.46 -5.04 27.10
N ARG B 248 -13.71 -5.09 28.41
CA ARG B 248 -12.68 -5.23 29.42
C ARG B 248 -13.39 -5.66 30.70
N ALA B 249 -12.69 -6.24 31.66
CA ALA B 249 -13.37 -6.66 32.88
C ALA B 249 -14.21 -5.53 33.48
N ASN B 250 -13.72 -4.29 33.45
CA ASN B 250 -14.41 -3.21 34.10
C ASN B 250 -15.75 -2.78 33.46
N ASN B 251 -16.01 -3.13 32.18
CA ASN B 251 -17.34 -2.87 31.60
C ASN B 251 -18.20 -4.10 31.29
N VAL B 252 -17.88 -5.22 31.93
CA VAL B 252 -18.59 -6.47 31.77
C VAL B 252 -19.08 -6.92 33.14
N ALA B 253 -20.39 -7.11 33.25
CA ALA B 253 -21.02 -7.72 34.42
C ALA B 253 -21.33 -9.17 34.10
N PHE B 254 -21.18 -10.03 35.08
CA PHE B 254 -21.54 -11.42 34.93
C PHE B 254 -22.87 -11.63 35.70
N THR B 255 -23.83 -12.28 35.08
CA THR B 255 -25.09 -12.68 35.78
C THR B 255 -24.76 -13.66 36.93
N GLY B 256 -23.94 -14.66 36.63
CA GLY B 256 -23.37 -15.59 37.61
C GLY B 256 -21.94 -15.24 37.98
N ASN B 257 -21.15 -16.27 38.28
CA ASN B 257 -19.75 -16.11 38.68
C ASN B 257 -18.95 -15.39 37.62
N ALA B 258 -18.08 -14.48 38.05
CA ALA B 258 -17.16 -13.78 37.15
C ALA B 258 -15.99 -14.74 36.86
N TRP B 259 -16.11 -15.47 35.79
CA TRP B 259 -15.27 -16.61 35.52
C TRP B 259 -14.00 -16.28 34.75
N THR B 260 -13.90 -15.04 34.29
CA THR B 260 -12.71 -14.56 33.60
C THR B 260 -12.56 -13.08 33.89
N ARG B 261 -11.31 -12.65 34.04
CA ARG B 261 -10.96 -11.22 34.04
C ARG B 261 -10.29 -10.76 32.74
N ASP B 262 -10.14 -11.70 31.81
CA ASP B 262 -9.63 -11.45 30.44
C ASP B 262 -10.77 -11.49 29.45
N ILE B 263 -10.83 -10.48 28.59
CA ILE B 263 -11.72 -10.50 27.43
C ILE B 263 -10.81 -10.53 26.21
N SER B 264 -10.75 -11.68 25.54
CA SER B 264 -9.71 -11.90 24.55
C SER B 264 -10.31 -12.42 23.26
N HIS B 265 -9.46 -12.48 22.24
CA HIS B 265 -9.74 -12.86 20.87
C HIS B 265 -11.13 -13.37 20.60
N GLY B 266 -11.93 -12.50 19.99
CA GLY B 266 -13.32 -12.84 19.72
C GLY B 266 -13.81 -12.33 18.38
N GLU B 267 -15.14 -12.28 18.25
CA GLU B 267 -15.81 -11.79 17.05
C GLU B 267 -17.21 -11.35 17.41
N LEU B 268 -17.67 -10.29 16.75
CA LEU B 268 -19.08 -9.89 16.90
C LEU B 268 -20.02 -10.83 16.12
N ILE B 269 -21.23 -11.02 16.64
CA ILE B 269 -22.29 -11.59 15.84
C ILE B 269 -22.61 -10.58 14.73
N ARG B 270 -22.61 -11.09 13.50
CA ARG B 270 -22.76 -10.26 12.30
C ARG B 270 -24.24 -10.09 11.87
N SER B 271 -24.49 -9.13 10.99
CA SER B 271 -25.83 -9.00 10.39
C SER B 271 -25.96 -9.74 9.07
N GLY B 272 -24.85 -10.32 8.59
CA GLY B 272 -24.87 -11.05 7.34
C GLY B 272 -23.52 -11.72 7.19
N ASN B 273 -23.45 -12.69 6.27
CA ASN B 273 -22.34 -13.63 6.20
C ASN B 273 -21.39 -13.44 5.05
N ASP B 274 -21.60 -12.44 4.22
CA ASP B 274 -20.76 -12.27 3.02
C ASP B 274 -19.45 -11.55 3.34
N GLN B 275 -18.65 -11.35 2.29
CA GLN B 275 -17.30 -10.80 2.40
C GLN B 275 -17.23 -9.37 2.85
N THR B 276 -18.36 -8.69 3.01
CA THR B 276 -18.38 -7.31 3.47
C THR B 276 -18.33 -7.21 5.00
N LEU B 277 -18.41 -8.36 5.69
CA LEU B 277 -18.30 -8.39 7.17
C LEU B 277 -19.17 -7.32 7.88
N PRO B 278 -20.49 -7.36 7.62
CA PRO B 278 -21.36 -6.35 8.20
C PRO B 278 -21.84 -6.70 9.61
N ILE B 279 -22.03 -5.65 10.41
CA ILE B 279 -22.64 -5.76 11.74
C ILE B 279 -23.75 -4.74 11.82
N SER B 280 -24.78 -5.08 12.58
CA SER B 280 -25.73 -4.06 13.05
C SER B 280 -25.08 -3.23 14.15
N PRO B 281 -25.38 -1.93 14.22
CA PRO B 281 -24.92 -1.13 15.38
C PRO B 281 -25.80 -1.34 16.64
N CYS B 282 -26.80 -2.19 16.55
CA CYS B 282 -27.75 -2.42 17.63
C CYS B 282 -27.49 -3.71 18.36
N ASN B 283 -27.62 -3.70 19.68
CA ASN B 283 -27.65 -4.93 20.50
C ASN B 283 -26.50 -5.86 20.13
N LEU B 284 -25.32 -5.29 20.28
CA LEU B 284 -24.09 -6.04 19.96
C LEU B 284 -23.94 -7.27 20.82
N ARG B 285 -23.43 -8.36 20.21
CA ARG B 285 -23.09 -9.57 20.94
C ARG B 285 -21.71 -9.99 20.51
N TYR B 286 -20.84 -10.21 21.50
CA TYR B 286 -19.42 -10.48 21.25
C TYR B 286 -19.10 -11.87 21.74
N LEU B 287 -18.78 -12.76 20.82
CA LEU B 287 -18.32 -14.10 21.17
C LEU B 287 -16.82 -14.01 21.46
N TYR B 288 -16.40 -14.39 22.65
CA TYR B 288 -15.01 -14.12 23.08
C TYR B 288 -14.43 -15.30 23.82
N GLN B 289 -13.11 -15.28 23.99
CA GLN B 289 -12.44 -16.27 24.81
C GLN B 289 -12.04 -15.68 26.16
N GLY B 290 -12.25 -16.48 27.20
CA GLY B 290 -11.86 -16.13 28.57
C GLY B 290 -11.28 -17.33 29.28
N LEU B 291 -10.78 -17.11 30.49
CA LEU B 291 -10.21 -18.20 31.30
C LEU B 291 -10.19 -17.82 32.77
N ASP B 292 -10.08 -18.85 33.60
CA ASP B 292 -10.01 -18.65 35.06
C ASP B 292 -8.86 -17.68 35.37
N PRO B 293 -9.13 -16.61 36.15
CA PRO B 293 -8.06 -15.63 36.45
C PRO B 293 -6.86 -16.18 37.26
N ASN B 294 -7.02 -17.36 37.86
CA ASN B 294 -5.95 -18.01 38.58
C ASN B 294 -5.10 -18.90 37.69
N SER B 295 -5.46 -19.03 36.41
CA SER B 295 -4.70 -19.83 35.46
C SER B 295 -3.35 -19.21 35.20
N GLY B 296 -2.33 -20.07 35.15
CA GLY B 296 -1.01 -19.71 34.66
C GLY B 296 -0.37 -20.94 34.03
N GLY B 297 0.96 -20.96 33.96
CA GLY B 297 1.67 -22.04 33.30
C GLY B 297 1.79 -21.79 31.80
N ASP B 298 2.17 -22.83 31.07
CA ASP B 298 2.49 -22.71 29.65
C ASP B 298 1.27 -22.16 28.89
N TYR B 299 1.48 -21.10 28.11
CA TYR B 299 0.41 -20.43 27.36
C TYR B 299 -0.44 -21.41 26.55
N ASN B 300 0.20 -22.37 25.87
CA ASN B 300 -0.57 -23.28 25.01
C ASN B 300 -1.52 -24.22 25.74
N SER B 301 -1.31 -24.41 27.03
CA SER B 301 -2.14 -25.29 27.85
C SER B 301 -3.24 -24.56 28.63
N LEU B 302 -3.34 -23.24 28.47
CA LEU B 302 -4.27 -22.46 29.25
C LEU B 302 -5.72 -22.88 28.95
N PRO B 303 -6.58 -22.91 29.96
CA PRO B 303 -7.95 -23.40 29.83
C PRO B 303 -8.92 -22.35 29.29
N TRP B 304 -8.66 -21.91 28.07
CA TRP B 304 -9.57 -20.97 27.42
C TRP B 304 -10.91 -21.63 27.08
N LYS B 305 -11.97 -20.83 27.25
CA LYS B 305 -13.35 -21.24 26.96
C LYS B 305 -14.05 -20.07 26.31
N LEU B 306 -15.15 -20.32 25.58
CA LEU B 306 -15.84 -19.25 24.88
C LEU B 306 -17.09 -18.83 25.61
N GLY B 307 -17.34 -17.54 25.63
CA GLY B 307 -18.57 -16.94 26.17
C GLY B 307 -19.15 -15.86 25.30
N LEU B 308 -20.29 -15.32 25.71
CA LEU B 308 -20.98 -14.32 24.92
C LEU B 308 -21.24 -13.09 25.78
N LEU B 309 -20.80 -11.94 25.30
CA LEU B 309 -21.16 -10.64 25.84
C LEU B 309 -22.41 -10.16 25.13
N THR B 310 -23.41 -9.74 25.91
CA THR B 310 -24.56 -9.03 25.36
C THR B 310 -24.53 -7.59 25.80
N GLN B 311 -24.66 -6.69 24.84
CA GLN B 311 -24.59 -5.28 25.14
C GLN B 311 -25.75 -4.88 26.06
N THR B 312 -25.45 -4.04 27.05
CA THR B 312 -26.49 -3.57 27.96
C THR B 312 -26.77 -2.08 27.85
N ASN B 313 -25.97 -1.36 27.06
CA ASN B 313 -26.25 0.05 26.73
C ASN B 313 -26.53 0.25 25.25
N SER B 314 -27.31 -0.65 24.67
CA SER B 314 -27.59 -0.59 23.26
C SER B 314 -28.28 0.71 22.79
N ALA B 315 -27.88 1.16 21.61
CA ALA B 315 -28.46 2.34 20.95
C ALA B 315 -29.74 2.04 20.17
N CYS B 316 -30.10 0.77 19.97
CA CYS B 316 -31.23 0.43 19.12
C CYS B 316 -31.50 -1.09 19.19
N ALA B 317 -32.54 -1.54 18.50
CA ALA B 317 -32.89 -2.97 18.44
C ALA B 317 -32.50 -3.54 17.06
PB PB C . 22.38 15.88 -12.80
CA CA D . 12.46 12.12 -14.97
C1 GOL E . 19.35 12.44 -12.56
O1 GOL E . 19.98 11.72 -13.62
C2 GOL E . 20.51 12.89 -11.73
O2 GOL E . 20.60 14.33 -11.81
C3 GOL E . 20.36 12.22 -10.37
O3 GOL E . 19.46 12.93 -9.51
C1 GOL F . 10.59 -0.08 2.87
O1 GOL F . 10.77 1.28 3.17
C2 GOL F . 10.01 -0.78 4.06
O2 GOL F . 8.84 -0.23 4.67
C3 GOL F . 9.72 -2.24 3.80
O3 GOL F . 10.32 -2.70 5.01
C1 GOL G . 2.49 3.14 1.06
O1 GOL G . 1.82 2.81 -0.18
C2 GOL G . 3.99 3.41 0.81
O2 GOL G . 4.72 3.44 2.05
C3 GOL G . 4.21 4.73 0.07
O3 GOL G . 3.59 5.89 0.70
C1 GOL H . 35.44 4.79 -30.14
O1 GOL H . 35.61 3.56 -30.85
C2 GOL H . 34.57 4.53 -28.91
O2 GOL H . 33.27 4.03 -29.28
C3 GOL H . 35.22 3.47 -28.02
O3 GOL H . 34.39 3.27 -26.88
CA CA I . -10.17 -13.98 14.93
C1 GOL J . -3.85 -17.16 17.64
O1 GOL J . -3.09 -16.11 17.05
C2 GOL J . -2.96 -17.79 18.69
O2 GOL J . -2.97 -16.95 19.87
C3 GOL J . -3.42 -19.21 18.95
O3 GOL J . -4.55 -19.24 19.82
C1 GOL K . -3.93 -35.09 6.19
O1 GOL K . -3.72 -34.55 7.52
C2 GOL K . -5.36 -34.84 5.74
O2 GOL K . -5.61 -35.26 4.39
C3 GOL K . -6.31 -35.58 6.67
O3 GOL K . -7.62 -35.14 6.46
#